data_6Q81
#
_entry.id   6Q81
#
loop_
_entity.id
_entity.type
_entity.pdbx_description
1 polymer 'P-glycoprotein (ABCB1)'
2 non-polymer "ADENOSINE-5'-DIPHOSPHATE"
#
_entity_poly.entity_id   1
_entity_poly.type   'polypeptide(L)'
_entity_poly.pdbx_seq_one_letter_code
;MELEEDLKGRADKNFSKMGKKSKKEKKEKKPAVSVLTMFRYAGWLDRLYMLVGTLAAIIHGVALPLMMLIFGDMTDSFAS
VGNVSKNSTNMSEADKRAMFAKLEEEMTTYAYYYTGIGAGVLIVAYIQVSFWCLAAGRQIHKIRQKFFHAIMNQEIGWFD
VHDVGELNTRLTDDVSKINEGIGDKIGMFFQAMATFFGGFIIGFTRGWKLTLVILAISPVLGLSAGIWAKILSSFTDKEL
HAYAKAGAVAEEVLAAIRTVIAFGGQKKELERYNNNLEEAKRLGIKKAITANISMGAAFLLIYASYALAFWYGTSLVISK
EYSIGQVLTVFFSVLIGAFSVGQASPNIEAFANARGAAYEVFKIIDNKPSIDSFSKSGHKPDNIQGNLEFKNIHFSYPSR
KEVQILKGLNLKVKSGQTVALVGNSGCGKSTTVQLMQRLYDPLDGMVSIDGQDIRTINVRYLREIIGVVSQEPVLFATTI
AENIRYGREDVTMDEIEKAVKEANAYDFIMKLPHQFDTLVGERGAQLSGGQKQRIAIARALVRNPKILLLDEATSALDTE
SEAVVQAALDKAREGRTTIVIAHRLSTVRNADVIAGFDGGVIVEQGNHDELMREKGIYFKLVMTQTAGNEIELGNEACKS
KDEIDNLDMSSKDSGSSLIRRRSTRKSICGPHDQDRKLSTKEALDEDVPPASFWRILKLNSTEWPYFVVGIFCAIINGGL
QPAFSVIFSKVVGVFTNGGPPETQRQNSNLFSLLFLILGIISFITFFLQGFTFGKAGEILTKRLRYMVFKSMLRQDVSWF
DDPKNTTGALTTRLANDAAQVKGATGSRLAVIFQNIANLGTGIIISLIYGWQLTLLLLAIVPIIAIAGVVEMKMLSGQAL
KDKKELEGSGKIATEAIENFRTVVSLTREQKFETMYAQSLQIPYRNAMKKAHVFGITFSFTQAMMYFSYAACFRFGAYLV
TQQLMTFENVLLVFSAIVFGAMAVGQVSSFAPDYAKATVSASHIIRIIEKTPEIDSYSTQGLKPNMLEGNVQFSGVVFNY
PTRPSIPVLQGLSLEVKKGQTLALVGSSGCGKSTVVQLLERFYDPMAGSVFLDGKEIKQLNVQWLRAQLGIVSQEPILFD
CSIAENIAYGDNSRVVSYEEIVRAAKEANIHQFIDSLPDKYNTRVGDKGTQLSGGQKQRIAIARALVRQPHILLLDEATS
ALDTESEKVVQEALDKAREGRTCIVIAHRLSTIQNADLIVVIQNGKVKEHGTHQQLLAQKGIYFSMVSVQAGAKRS
;
_entity_poly.pdbx_strand_id   A
#
# COMPACT_ATOMS: atom_id res chain seq x y z
N VAL A 33 0.55 -30.99 -0.20
CA VAL A 33 -0.09 -31.83 -1.24
C VAL A 33 -0.20 -31.25 -2.54
N SER A 34 -1.40 -30.62 -2.87
CA SER A 34 -1.80 -30.21 -4.17
C SER A 34 -1.12 -28.94 -4.65
N VAL A 35 -0.57 -28.21 -3.73
CA VAL A 35 -0.14 -26.82 -3.88
C VAL A 35 1.00 -26.67 -4.90
N LEU A 36 1.91 -27.65 -4.92
CA LEU A 36 3.13 -27.65 -5.75
C LEU A 36 3.00 -28.59 -6.96
N THR A 37 1.84 -29.31 -7.05
CA THR A 37 1.66 -30.37 -8.02
C THR A 37 1.20 -29.67 -9.28
N MET A 38 0.29 -28.67 -9.07
CA MET A 38 -0.17 -27.80 -10.12
C MET A 38 0.97 -26.84 -10.64
N PHE A 39 1.80 -26.43 -9.63
CA PHE A 39 2.81 -25.47 -9.79
C PHE A 39 3.73 -25.91 -10.86
N ARG A 40 4.11 -27.18 -10.90
CA ARG A 40 4.78 -27.65 -12.03
C ARG A 40 3.86 -27.77 -13.22
N TYR A 41 4.39 -27.51 -14.39
CA TYR A 41 3.77 -27.25 -15.61
C TYR A 41 4.96 -26.96 -16.50
N ALA A 42 5.93 -27.83 -16.25
CA ALA A 42 7.25 -27.82 -16.65
C ALA A 42 7.31 -28.43 -18.11
N GLY A 43 7.78 -27.56 -19.05
CA GLY A 43 8.04 -27.76 -20.54
C GLY A 43 8.79 -29.12 -20.75
N TRP A 44 9.04 -29.57 -22.05
CA TRP A 44 9.84 -30.71 -22.42
C TRP A 44 11.26 -30.65 -21.82
N LEU A 45 12.09 -29.60 -21.92
CA LEU A 45 13.46 -29.63 -21.40
C LEU A 45 13.49 -29.29 -19.93
N ASP A 46 12.38 -28.63 -19.49
CA ASP A 46 12.28 -28.05 -18.15
C ASP A 46 12.24 -29.16 -17.12
N ARG A 47 11.42 -30.19 -17.38
CA ARG A 47 11.24 -31.30 -16.49
C ARG A 47 12.51 -32.05 -16.24
N LEU A 48 13.36 -32.18 -17.28
CA LEU A 48 14.71 -32.78 -17.20
C LEU A 48 15.76 -31.98 -16.40
N TYR A 49 15.69 -30.69 -16.74
CA TYR A 49 16.45 -29.62 -16.20
C TYR A 49 16.18 -29.27 -14.74
N MET A 50 14.93 -29.57 -14.26
CA MET A 50 14.58 -29.50 -12.85
C MET A 50 15.54 -30.44 -12.05
N LEU A 51 15.89 -31.61 -12.64
CA LEU A 51 16.64 -32.75 -12.12
C LEU A 51 18.11 -32.47 -12.20
N VAL A 52 18.58 -31.82 -13.29
CA VAL A 52 19.97 -31.27 -13.38
C VAL A 52 20.20 -30.30 -12.33
N GLY A 53 19.22 -29.34 -12.08
CA GLY A 53 19.27 -28.35 -11.07
C GLY A 53 19.38 -28.99 -9.67
N THR A 54 18.59 -29.95 -9.36
CA THR A 54 18.61 -30.70 -8.10
C THR A 54 20.04 -31.39 -7.90
N LEU A 55 20.48 -32.13 -8.94
CA LEU A 55 21.69 -32.84 -9.05
C LEU A 55 22.93 -32.00 -8.79
N ALA A 56 23.09 -30.72 -9.36
CA ALA A 56 24.17 -29.83 -9.02
C ALA A 56 24.12 -29.34 -7.64
N ALA A 57 22.83 -29.20 -7.12
CA ALA A 57 22.52 -28.58 -5.89
C ALA A 57 23.09 -29.34 -4.70
N ILE A 58 23.04 -30.73 -4.83
CA ILE A 58 23.53 -31.62 -3.71
C ILE A 58 25.00 -31.44 -3.57
N ILE A 59 25.75 -31.65 -4.70
CA ILE A 59 27.21 -31.62 -4.76
C ILE A 59 27.83 -30.29 -4.55
N HIS A 60 27.04 -29.17 -4.77
CA HIS A 60 27.41 -27.81 -4.37
C HIS A 60 27.45 -27.80 -2.89
N GLY A 61 26.39 -28.35 -2.21
CA GLY A 61 26.25 -28.34 -0.73
C GLY A 61 27.23 -29.14 0.04
N VAL A 62 27.56 -30.33 -0.51
CA VAL A 62 28.46 -31.30 0.01
C VAL A 62 29.88 -30.86 0.13
N ALA A 63 30.31 -30.07 -0.89
CA ALA A 63 31.68 -29.66 -1.10
C ALA A 63 32.19 -28.83 0.10
N LEU A 64 31.34 -27.95 0.78
CA LEU A 64 31.83 -27.17 1.84
C LEU A 64 32.37 -27.93 3.05
N PRO A 65 31.72 -29.00 3.65
CA PRO A 65 32.37 -29.76 4.70
C PRO A 65 33.58 -30.63 4.31
N LEU A 66 33.56 -31.10 3.04
CA LEU A 66 34.70 -31.74 2.46
C LEU A 66 35.84 -30.77 2.38
N MET A 67 35.58 -29.50 2.02
CA MET A 67 36.55 -28.45 1.99
C MET A 67 37.12 -28.20 3.33
N MET A 68 36.31 -28.31 4.39
CA MET A 68 36.68 -28.13 5.75
C MET A 68 37.33 -29.34 6.36
N LEU A 69 37.19 -30.59 5.75
CA LEU A 69 37.89 -31.76 6.11
C LEU A 69 39.32 -31.50 5.76
N ILE A 70 39.61 -30.85 4.60
CA ILE A 70 41.05 -30.48 4.29
C ILE A 70 41.64 -29.53 5.34
N PHE A 71 40.81 -28.58 5.89
CA PHE A 71 41.25 -27.68 6.93
C PHE A 71 41.66 -28.43 8.19
N GLY A 72 41.01 -29.57 8.47
CA GLY A 72 41.20 -30.43 9.66
C GLY A 72 42.45 -31.18 9.47
N ASP A 73 42.71 -31.63 8.24
CA ASP A 73 43.89 -32.39 7.83
C ASP A 73 45.13 -31.56 8.01
N MET A 74 45.03 -30.23 7.70
CA MET A 74 46.18 -29.37 7.87
C MET A 74 46.51 -29.20 9.37
N THR A 75 45.45 -29.22 10.17
CA THR A 75 45.66 -29.24 11.60
C THR A 75 46.31 -30.54 12.13
N ASP A 76 45.90 -31.66 11.57
CA ASP A 76 46.30 -32.99 12.03
C ASP A 76 47.80 -33.20 12.00
N SER A 77 48.46 -32.93 10.79
CA SER A 77 49.90 -32.98 10.55
C SER A 77 50.70 -32.05 11.42
N PHE A 78 50.15 -30.77 11.61
CA PHE A 78 50.89 -29.76 12.38
C PHE A 78 51.07 -30.28 13.82
N ALA A 79 50.01 -30.97 14.32
CA ALA A 79 49.98 -31.64 15.62
C ALA A 79 50.96 -32.80 15.67
N SER A 80 50.97 -33.75 14.67
CA SER A 80 51.88 -34.87 14.54
C SER A 80 53.32 -34.38 14.54
N VAL A 81 53.69 -33.31 13.93
CA VAL A 81 54.98 -32.63 14.10
C VAL A 81 55.25 -31.99 15.43
N GLY A 82 54.31 -31.19 16.00
CA GLY A 82 54.55 -30.39 17.19
C GLY A 82 54.67 -31.19 18.44
N ASN A 83 53.86 -32.30 18.59
CA ASN A 83 53.90 -33.06 19.82
C ASN A 83 55.28 -33.75 20.05
N VAL A 84 55.99 -34.29 19.02
CA VAL A 84 57.33 -34.82 19.12
C VAL A 84 58.43 -33.79 19.14
N SER A 85 58.25 -32.58 18.54
CA SER A 85 59.30 -31.53 18.58
C SER A 85 59.50 -30.99 20.03
N LYS A 86 58.35 -30.85 20.73
CA LYS A 86 58.33 -30.41 22.06
C LYS A 86 58.56 -31.52 23.13
N ASN A 87 58.42 -32.79 22.82
CA ASN A 87 58.39 -33.91 23.78
C ASN A 87 59.63 -34.74 23.71
N SER A 88 60.45 -34.39 22.70
CA SER A 88 61.70 -35.00 22.49
C SER A 88 62.72 -33.95 22.87
N THR A 89 62.83 -32.87 22.09
CA THR A 89 63.67 -31.69 22.39
C THR A 89 65.09 -32.09 22.48
N ASN A 90 65.58 -33.02 21.60
CA ASN A 90 66.84 -33.64 21.61
C ASN A 90 67.49 -33.47 20.25
N MET A 91 66.82 -32.71 19.33
CA MET A 91 67.19 -32.45 18.02
C MET A 91 66.35 -31.23 17.61
N SER A 92 66.86 -30.45 16.60
CA SER A 92 66.23 -29.25 16.13
C SER A 92 66.56 -29.18 14.68
N GLU A 93 67.58 -29.97 14.22
CA GLU A 93 68.00 -29.98 12.85
C GLU A 93 67.44 -31.14 12.03
N ALA A 94 67.13 -32.26 12.75
CA ALA A 94 66.40 -33.35 12.21
C ALA A 94 65.03 -32.89 11.90
N ASP A 95 64.42 -32.03 12.82
CA ASP A 95 63.08 -31.48 12.65
C ASP A 95 62.89 -30.57 11.45
N LYS A 96 63.99 -29.87 11.09
CA LYS A 96 64.04 -29.00 9.99
C LYS A 96 64.12 -29.69 8.60
N ARG A 97 64.48 -30.98 8.58
CA ARG A 97 64.59 -31.80 7.42
C ARG A 97 63.38 -32.69 7.14
N ALA A 98 63.21 -33.75 7.97
CA ALA A 98 62.21 -34.82 7.74
C ALA A 98 60.76 -34.37 7.93
N MET A 99 60.54 -33.62 9.03
CA MET A 99 59.22 -33.08 9.40
C MET A 99 58.58 -32.13 8.37
N PHE A 100 59.40 -31.23 7.70
CA PHE A 100 59.07 -30.27 6.73
C PHE A 100 58.93 -31.01 5.43
N ALA A 101 59.60 -32.20 5.12
CA ALA A 101 59.35 -32.98 3.91
C ALA A 101 57.94 -33.53 3.86
N LYS A 102 57.48 -34.18 4.99
CA LYS A 102 56.03 -34.60 5.07
C LYS A 102 55.07 -33.45 4.85
N LEU A 103 55.37 -32.33 5.45
CA LEU A 103 54.63 -31.11 5.19
C LEU A 103 54.67 -30.63 3.78
N GLU A 104 55.81 -30.77 3.12
CA GLU A 104 55.89 -30.41 1.71
C GLU A 104 55.06 -31.28 0.78
N GLU A 105 55.06 -32.60 1.00
CA GLU A 105 54.34 -33.66 0.27
C GLU A 105 52.81 -33.45 0.41
N GLU A 106 52.49 -33.08 1.66
CA GLU A 106 51.06 -32.80 1.99
C GLU A 106 50.47 -31.55 1.31
N MET A 107 51.32 -30.52 1.23
CA MET A 107 51.10 -29.39 0.46
C MET A 107 50.93 -29.56 -1.00
N THR A 108 51.61 -30.57 -1.63
CA THR A 108 51.42 -30.88 -3.05
C THR A 108 50.03 -31.39 -3.32
N THR A 109 49.49 -32.28 -2.35
CA THR A 109 48.15 -32.72 -2.45
C THR A 109 47.12 -31.54 -2.13
N TYR A 110 47.40 -30.68 -1.13
CA TYR A 110 46.58 -29.51 -0.81
C TYR A 110 46.25 -28.64 -2.06
N ALA A 111 47.30 -28.39 -2.93
CA ALA A 111 47.21 -27.61 -4.14
C ALA A 111 46.11 -28.12 -5.07
N TYR A 112 46.05 -29.46 -5.17
CA TYR A 112 45.12 -30.09 -6.07
C TYR A 112 43.69 -30.22 -5.44
N TYR A 113 43.48 -29.89 -4.14
CA TYR A 113 42.20 -29.91 -3.47
C TYR A 113 41.42 -28.64 -3.58
N TYR A 114 41.92 -27.50 -3.00
CA TYR A 114 41.20 -26.21 -2.98
C TYR A 114 40.81 -25.65 -4.42
N THR A 115 41.77 -25.89 -5.43
CA THR A 115 41.57 -25.59 -6.81
C THR A 115 40.44 -26.43 -7.41
N GLY A 116 40.48 -27.78 -7.19
CA GLY A 116 39.43 -28.75 -7.69
C GLY A 116 38.00 -28.58 -7.30
N ILE A 117 37.80 -28.22 -5.99
CA ILE A 117 36.54 -28.03 -5.33
C ILE A 117 36.08 -26.67 -5.86
N GLY A 118 36.97 -25.73 -5.99
CA GLY A 118 36.69 -24.41 -6.50
C GLY A 118 36.16 -24.42 -7.89
N ALA A 119 36.83 -25.11 -8.78
CA ALA A 119 36.39 -25.39 -10.14
C ALA A 119 35.03 -26.16 -10.26
N GLY A 120 34.70 -27.11 -9.32
CA GLY A 120 33.37 -27.65 -9.25
C GLY A 120 32.30 -26.62 -8.80
N VAL A 121 32.57 -25.96 -7.65
CA VAL A 121 31.59 -25.10 -7.02
C VAL A 121 31.22 -23.89 -7.84
N LEU A 122 32.12 -23.52 -8.83
CA LEU A 122 31.96 -22.51 -9.83
C LEU A 122 30.94 -22.83 -10.83
N ILE A 123 31.02 -24.03 -11.42
CA ILE A 123 30.11 -24.47 -12.41
C ILE A 123 28.70 -24.65 -11.91
N VAL A 124 28.49 -25.38 -10.81
CA VAL A 124 27.21 -25.79 -10.20
C VAL A 124 26.51 -24.52 -9.73
N ALA A 125 27.27 -23.36 -9.47
CA ALA A 125 26.81 -22.11 -9.09
C ALA A 125 26.02 -21.38 -10.09
N TYR A 126 26.64 -21.31 -11.28
CA TYR A 126 26.04 -20.89 -12.49
C TYR A 126 24.82 -21.69 -12.97
N ILE A 127 24.77 -23.06 -12.78
CA ILE A 127 23.73 -23.90 -13.09
C ILE A 127 22.56 -23.58 -12.17
N GLN A 128 22.79 -23.48 -10.83
CA GLN A 128 21.61 -23.21 -10.02
C GLN A 128 20.99 -21.90 -10.22
N VAL A 129 21.74 -20.85 -10.66
CA VAL A 129 21.15 -19.53 -10.92
C VAL A 129 20.45 -19.56 -12.28
N SER A 130 20.90 -20.40 -13.24
CA SER A 130 20.27 -20.56 -14.56
C SER A 130 18.87 -21.15 -14.34
N PHE A 131 18.67 -21.91 -13.28
CA PHE A 131 17.40 -22.38 -12.81
C PHE A 131 16.46 -21.21 -12.54
N TRP A 132 16.98 -20.14 -11.92
CA TRP A 132 16.36 -18.92 -11.53
C TRP A 132 15.72 -18.11 -12.54
N CYS A 133 16.27 -18.06 -13.78
CA CYS A 133 15.83 -17.25 -14.89
C CYS A 133 15.21 -18.05 -15.96
N LEU A 134 15.98 -18.89 -16.69
CA LEU A 134 15.52 -19.59 -17.80
C LEU A 134 14.29 -20.41 -17.61
N ALA A 135 14.15 -21.25 -16.49
CA ALA A 135 12.95 -22.06 -16.20
C ALA A 135 11.88 -21.13 -15.88
N ALA A 136 12.06 -20.05 -15.07
CA ALA A 136 11.03 -19.18 -14.65
C ALA A 136 10.48 -18.40 -15.76
N GLY A 137 11.38 -17.99 -16.66
CA GLY A 137 11.12 -17.16 -17.77
C GLY A 137 10.03 -17.69 -18.61
N ARG A 138 10.12 -18.93 -19.03
CA ARG A 138 9.18 -19.67 -19.90
C ARG A 138 7.84 -19.92 -19.20
N GLN A 139 7.80 -20.05 -17.80
CA GLN A 139 6.59 -20.19 -17.03
C GLN A 139 5.77 -18.97 -17.03
N ILE A 140 6.40 -17.81 -16.72
CA ILE A 140 5.85 -16.44 -16.70
C ILE A 140 5.34 -16.03 -17.98
N HIS A 141 6.11 -16.33 -19.01
CA HIS A 141 5.64 -16.08 -20.35
C HIS A 141 4.40 -16.86 -20.74
N LYS A 142 4.28 -18.06 -20.24
CA LYS A 142 3.11 -18.88 -20.41
C LYS A 142 1.97 -18.46 -19.67
N ILE A 143 2.22 -18.05 -18.39
CA ILE A 143 1.16 -17.59 -17.58
C ILE A 143 0.44 -16.34 -18.09
N ARG A 144 1.34 -15.32 -18.50
CA ARG A 144 0.99 -13.95 -18.94
C ARG A 144 0.14 -13.98 -20.14
N GLN A 145 0.65 -14.79 -21.08
CA GLN A 145 -0.04 -15.04 -22.36
C GLN A 145 -1.30 -15.83 -22.21
N LYS A 146 -1.34 -16.78 -21.24
CA LYS A 146 -2.56 -17.58 -21.08
C LYS A 146 -3.59 -16.60 -20.46
N PHE A 147 -3.18 -15.80 -19.53
CA PHE A 147 -3.98 -14.90 -18.72
C PHE A 147 -4.66 -13.89 -19.69
N PHE A 148 -3.85 -13.16 -20.50
CA PHE A 148 -4.41 -12.18 -21.41
C PHE A 148 -5.41 -12.76 -22.47
N HIS A 149 -5.13 -13.98 -22.86
CA HIS A 149 -5.87 -14.76 -23.89
C HIS A 149 -7.11 -15.43 -23.44
N ALA A 150 -7.06 -16.05 -22.20
CA ALA A 150 -8.18 -16.66 -21.56
C ALA A 150 -9.17 -15.56 -21.20
N ILE A 151 -8.70 -14.36 -20.84
CA ILE A 151 -9.55 -13.23 -20.51
C ILE A 151 -10.43 -12.76 -21.66
N MET A 152 -9.83 -12.58 -22.83
CA MET A 152 -10.56 -12.12 -23.98
C MET A 152 -11.51 -13.19 -24.51
N ASN A 153 -11.29 -14.49 -24.22
CA ASN A 153 -12.05 -15.59 -24.70
C ASN A 153 -13.16 -16.00 -23.75
N GLN A 154 -13.28 -15.35 -22.56
CA GLN A 154 -14.38 -15.72 -21.64
C GLN A 154 -15.44 -14.60 -21.50
N GLU A 155 -15.15 -13.42 -22.13
CA GLU A 155 -16.05 -12.33 -22.21
C GLU A 155 -16.49 -11.82 -20.88
N ILE A 156 -17.78 -12.06 -20.54
CA ILE A 156 -18.39 -11.60 -19.37
C ILE A 156 -17.67 -11.92 -18.09
N GLY A 157 -17.18 -13.14 -17.92
CA GLY A 157 -16.74 -13.70 -16.66
C GLY A 157 -15.75 -12.94 -15.88
N TRP A 158 -14.80 -12.28 -16.60
CA TRP A 158 -13.70 -11.54 -15.96
C TRP A 158 -14.27 -10.35 -15.20
N PHE A 159 -15.37 -9.79 -15.75
CA PHE A 159 -16.03 -8.58 -15.30
C PHE A 159 -16.95 -8.96 -14.13
N ASP A 160 -17.49 -10.19 -14.17
CA ASP A 160 -18.33 -10.72 -13.17
C ASP A 160 -17.68 -10.86 -11.88
N VAL A 161 -16.44 -11.45 -12.02
CA VAL A 161 -15.51 -11.77 -10.91
C VAL A 161 -14.63 -10.59 -10.63
N HIS A 162 -14.72 -10.07 -9.44
CA HIS A 162 -13.99 -8.92 -8.92
C HIS A 162 -14.07 -7.70 -9.83
N ASP A 163 -13.16 -6.78 -9.58
CA ASP A 163 -13.23 -5.51 -10.22
C ASP A 163 -12.11 -5.41 -11.10
N VAL A 164 -12.40 -4.88 -12.35
CA VAL A 164 -11.40 -4.57 -13.32
C VAL A 164 -10.22 -3.61 -12.98
N GLY A 165 -8.99 -3.95 -13.44
CA GLY A 165 -7.77 -3.23 -13.11
C GLY A 165 -7.10 -3.64 -11.77
N GLU A 166 -7.82 -4.28 -10.84
CA GLU A 166 -7.23 -4.82 -9.59
C GLU A 166 -6.56 -6.17 -10.03
N LEU A 167 -7.15 -6.82 -11.11
CA LEU A 167 -6.62 -8.04 -11.64
C LEU A 167 -5.22 -7.79 -12.16
N ASN A 168 -4.90 -6.75 -13.04
CA ASN A 168 -3.54 -6.68 -13.59
C ASN A 168 -2.54 -6.22 -12.56
N THR A 169 -3.01 -5.79 -11.39
CA THR A 169 -2.18 -5.39 -10.28
C THR A 169 -1.64 -6.61 -9.66
N ARG A 170 -2.55 -7.50 -9.17
CA ARG A 170 -2.32 -8.76 -8.51
C ARG A 170 -1.53 -9.77 -9.41
N LEU A 171 -1.84 -9.81 -10.74
CA LEU A 171 -1.17 -10.66 -11.70
C LEU A 171 0.30 -10.33 -11.87
N THR A 172 0.67 -9.04 -11.94
CA THR A 172 2.03 -8.57 -12.17
C THR A 172 2.83 -8.74 -10.91
N ASP A 173 2.16 -8.89 -9.75
CA ASP A 173 2.87 -9.20 -8.51
C ASP A 173 3.17 -10.67 -8.46
N ASP A 174 2.27 -11.46 -9.07
CA ASP A 174 2.32 -12.91 -9.02
C ASP A 174 3.49 -13.57 -9.79
N VAL A 175 3.77 -13.00 -10.99
CA VAL A 175 4.79 -13.45 -11.90
C VAL A 175 6.16 -13.05 -11.27
N SER A 176 6.16 -12.01 -10.35
CA SER A 176 7.39 -11.75 -9.66
C SER A 176 7.77 -12.88 -8.70
N LYS A 177 6.75 -13.50 -8.00
CA LYS A 177 6.88 -14.59 -7.07
C LYS A 177 7.28 -15.85 -7.81
N ILE A 178 6.94 -15.96 -9.11
CA ILE A 178 7.32 -17.09 -9.93
C ILE A 178 8.78 -17.28 -10.06
N ASN A 179 9.52 -16.14 -10.20
CA ASN A 179 10.98 -16.07 -10.19
C ASN A 179 11.57 -16.69 -8.97
N GLU A 180 10.87 -16.52 -7.81
CA GLU A 180 11.21 -17.08 -6.51
C GLU A 180 10.87 -18.51 -6.28
N GLY A 181 9.76 -19.07 -6.85
CA GLY A 181 9.27 -20.39 -6.62
C GLY A 181 10.03 -21.39 -7.49
N ILE A 182 10.36 -20.99 -8.77
CA ILE A 182 11.18 -21.84 -9.67
C ILE A 182 12.61 -21.41 -9.52
N GLY A 183 12.84 -20.43 -8.54
CA GLY A 183 14.05 -19.78 -8.11
C GLY A 183 15.08 -20.78 -7.70
N ASP A 184 16.27 -20.20 -7.56
CA ASP A 184 17.45 -20.88 -7.00
C ASP A 184 17.24 -21.08 -5.53
N LYS A 185 16.20 -20.48 -4.91
CA LYS A 185 15.83 -20.69 -3.50
C LYS A 185 15.61 -22.11 -3.13
N ILE A 186 14.94 -22.91 -3.98
CA ILE A 186 14.74 -24.28 -3.89
C ILE A 186 16.05 -25.03 -3.90
N GLY A 187 16.93 -24.59 -4.81
CA GLY A 187 18.27 -25.15 -4.93
C GLY A 187 19.04 -24.94 -3.60
N MET A 188 18.88 -23.72 -2.98
CA MET A 188 19.48 -23.25 -1.73
C MET A 188 18.97 -24.04 -0.63
N PHE A 189 17.69 -24.45 -0.70
CA PHE A 189 17.06 -25.31 0.29
C PHE A 189 17.71 -26.62 0.25
N PHE A 190 17.91 -27.28 -0.93
CA PHE A 190 18.49 -28.59 -1.05
C PHE A 190 19.92 -28.58 -0.59
N GLN A 191 20.66 -27.55 -0.93
CA GLN A 191 22.08 -27.25 -0.63
C GLN A 191 22.23 -27.24 0.91
N ALA A 192 21.21 -26.56 1.59
CA ALA A 192 21.12 -26.42 3.05
C ALA A 192 21.05 -27.73 3.76
N MET A 193 20.20 -28.61 3.26
CA MET A 193 20.05 -30.01 3.74
C MET A 193 21.28 -30.90 3.61
N ALA A 194 22.04 -30.69 2.51
CA ALA A 194 23.33 -31.32 2.18
C ALA A 194 24.45 -30.94 3.13
N THR A 195 24.54 -29.69 3.56
CA THR A 195 25.51 -29.20 4.53
C THR A 195 25.14 -29.71 5.90
N PHE A 196 23.81 -30.02 6.13
CA PHE A 196 23.28 -30.40 7.40
C PHE A 196 23.56 -31.92 7.67
N PHE A 197 22.77 -32.78 7.01
CA PHE A 197 22.61 -34.22 7.15
C PHE A 197 23.93 -34.89 6.75
N GLY A 198 24.52 -34.37 5.61
CA GLY A 198 25.79 -34.75 5.02
C GLY A 198 26.94 -34.31 5.96
N GLY A 199 26.76 -33.25 6.79
CA GLY A 199 27.73 -32.75 7.77
C GLY A 199 27.84 -33.75 8.82
N PHE A 200 26.66 -34.21 9.33
CA PHE A 200 26.61 -35.33 10.34
C PHE A 200 27.16 -36.61 9.87
N ILE A 201 27.09 -36.97 8.62
CA ILE A 201 27.81 -38.23 8.13
C ILE A 201 29.25 -38.35 8.38
N ILE A 202 30.08 -37.32 8.00
CA ILE A 202 31.51 -37.23 8.26
C ILE A 202 31.73 -37.17 9.72
N GLY A 203 30.83 -36.47 10.44
CA GLY A 203 30.92 -36.31 11.92
C GLY A 203 30.86 -37.58 12.69
N PHE A 204 29.78 -38.34 12.40
CA PHE A 204 29.48 -39.62 13.00
C PHE A 204 30.61 -40.65 12.83
N THR A 205 31.11 -40.77 11.53
CA THR A 205 32.16 -41.68 11.21
C THR A 205 33.56 -41.43 11.97
N ARG A 206 34.03 -40.15 12.15
CA ARG A 206 35.29 -39.71 12.80
C ARG A 206 35.03 -39.55 14.31
N GLY A 207 33.73 -39.60 14.78
CA GLY A 207 33.55 -39.82 16.21
C GLY A 207 32.04 -39.68 16.56
N TRP A 208 31.46 -40.64 17.20
CA TRP A 208 30.06 -40.74 17.42
C TRP A 208 29.58 -40.23 18.77
N LYS A 209 30.54 -39.89 19.71
CA LYS A 209 30.30 -39.48 21.06
C LYS A 209 29.83 -38.09 20.93
N LEU A 210 30.65 -37.27 20.21
CA LEU A 210 30.37 -35.83 20.05
C LEU A 210 29.12 -35.64 19.25
N THR A 211 28.81 -36.53 18.29
CA THR A 211 27.51 -36.57 17.48
C THR A 211 26.32 -36.49 18.42
N LEU A 212 26.24 -37.38 19.44
CA LEU A 212 25.16 -37.36 20.41
C LEU A 212 25.07 -35.98 21.11
N VAL A 213 26.23 -35.36 21.48
CA VAL A 213 26.28 -34.05 22.14
C VAL A 213 25.71 -32.95 21.27
N ILE A 214 26.05 -32.87 19.97
CA ILE A 214 25.43 -31.95 19.08
C ILE A 214 23.99 -32.20 18.82
N LEU A 215 23.61 -33.48 18.79
CA LEU A 215 22.22 -33.86 18.58
C LEU A 215 21.30 -33.43 19.73
N ALA A 216 21.77 -33.33 20.97
CA ALA A 216 21.09 -32.82 22.13
C ALA A 216 20.87 -31.25 22.16
N ILE A 217 21.76 -30.39 21.55
CA ILE A 217 21.60 -28.96 21.73
C ILE A 217 20.63 -28.41 20.77
N SER A 218 20.30 -29.15 19.71
CA SER A 218 19.34 -28.79 18.74
C SER A 218 17.94 -28.64 19.39
N PRO A 219 17.43 -29.56 20.23
CA PRO A 219 16.12 -29.39 20.92
C PRO A 219 16.12 -28.20 22.00
N VAL A 220 17.26 -27.91 22.66
CA VAL A 220 17.53 -26.81 23.62
C VAL A 220 17.45 -25.47 22.99
N LEU A 221 18.14 -25.35 21.80
CA LEU A 221 18.17 -24.13 20.99
C LEU A 221 16.77 -23.87 20.35
N GLY A 222 16.04 -24.98 20.09
CA GLY A 222 14.68 -24.86 19.64
C GLY A 222 13.62 -24.47 20.67
N LEU A 223 13.94 -24.81 21.97
CA LEU A 223 12.99 -24.52 23.10
C LEU A 223 13.06 -23.01 23.32
N SER A 224 14.32 -22.48 23.32
CA SER A 224 14.62 -21.08 23.56
C SER A 224 14.01 -20.07 22.64
N ALA A 225 14.00 -20.47 21.33
CA ALA A 225 13.35 -19.72 20.23
C ALA A 225 11.84 -19.80 20.37
N GLY A 226 11.35 -20.86 21.07
CA GLY A 226 9.97 -21.01 21.29
C GLY A 226 9.40 -20.04 22.28
N ILE A 227 10.16 -19.66 23.35
CA ILE A 227 9.82 -18.63 24.34
C ILE A 227 9.86 -17.25 23.63
N TRP A 228 10.78 -17.02 22.67
CA TRP A 228 10.91 -15.79 21.91
C TRP A 228 9.67 -15.40 21.21
N ALA A 229 9.13 -16.34 20.42
CA ALA A 229 7.90 -16.24 19.67
C ALA A 229 6.69 -15.94 20.59
N LYS A 230 6.71 -16.50 21.87
CA LYS A 230 5.66 -16.26 22.83
C LYS A 230 5.65 -14.83 23.32
N ILE A 231 6.85 -14.24 23.58
CA ILE A 231 7.05 -12.94 24.04
C ILE A 231 6.61 -11.98 22.96
N LEU A 232 7.02 -12.26 21.70
CA LEU A 232 6.57 -11.44 20.60
C LEU A 232 5.01 -11.31 20.43
N SER A 233 4.31 -12.47 20.42
CA SER A 233 2.90 -12.52 20.25
C SER A 233 2.24 -11.73 21.39
N SER A 234 2.72 -11.82 22.64
CA SER A 234 2.06 -11.17 23.78
C SER A 234 2.17 -9.70 23.83
N PHE A 235 3.40 -9.19 23.58
CA PHE A 235 3.70 -7.78 23.68
C PHE A 235 3.15 -7.01 22.51
N THR A 236 2.95 -7.67 21.25
CA THR A 236 2.42 -6.97 20.08
C THR A 236 1.00 -6.49 20.33
N ASP A 237 0.10 -7.34 20.80
CA ASP A 237 -1.30 -7.11 20.96
C ASP A 237 -1.46 -6.07 22.00
N LYS A 238 -0.57 -6.09 23.03
CA LYS A 238 -0.54 -5.12 24.07
C LYS A 238 -0.27 -3.71 23.59
N GLU A 239 0.85 -3.52 22.69
CA GLU A 239 1.18 -2.21 22.08
C GLU A 239 0.01 -1.75 21.24
N LEU A 240 -0.63 -2.68 20.53
CA LEU A 240 -1.80 -2.39 19.79
C LEU A 240 -3.11 -1.92 20.44
N HIS A 241 -3.48 -2.49 21.59
CA HIS A 241 -4.62 -2.03 22.42
C HIS A 241 -4.41 -0.65 22.94
N ALA A 242 -3.12 -0.38 23.26
CA ALA A 242 -2.69 0.85 23.91
C ALA A 242 -2.80 2.00 22.93
N TYR A 243 -2.20 1.74 21.73
CA TYR A 243 -2.17 2.68 20.65
C TYR A 243 -3.47 2.84 20.04
N ALA A 244 -4.36 1.88 20.25
CA ALA A 244 -5.65 1.98 19.81
C ALA A 244 -6.48 3.22 20.25
N LYS A 245 -6.39 3.55 21.53
CA LYS A 245 -6.97 4.71 22.20
C LYS A 245 -6.48 5.93 21.58
N ALA A 246 -5.15 6.04 21.40
CA ALA A 246 -4.42 7.17 20.84
C ALA A 246 -4.82 7.39 19.39
N GLY A 247 -5.07 6.36 18.59
CA GLY A 247 -5.66 6.46 17.32
C GLY A 247 -7.07 6.78 17.34
N ALA A 248 -7.89 6.23 18.27
CA ALA A 248 -9.38 6.58 18.27
C ALA A 248 -9.59 8.04 18.66
N VAL A 249 -8.92 8.49 19.74
CA VAL A 249 -8.96 9.88 20.24
C VAL A 249 -8.48 10.85 19.25
N ALA A 250 -7.37 10.56 18.56
CA ALA A 250 -6.89 11.40 17.46
C ALA A 250 -7.68 11.42 16.23
N GLU A 251 -8.42 10.32 15.92
CA GLU A 251 -9.22 10.19 14.70
C GLU A 251 -10.44 11.12 14.71
N GLU A 252 -11.21 10.99 15.85
CA GLU A 252 -12.48 11.67 15.96
C GLU A 252 -12.19 13.17 16.10
N VAL A 253 -11.12 13.55 16.90
CA VAL A 253 -10.93 14.94 17.18
C VAL A 253 -10.63 15.73 15.90
N LEU A 254 -9.63 15.23 15.04
CA LEU A 254 -9.20 15.86 13.83
C LEU A 254 -10.34 15.92 12.74
N ALA A 255 -11.36 15.04 12.74
CA ALA A 255 -12.57 15.20 11.88
C ALA A 255 -13.55 16.18 12.44
N ALA A 256 -13.60 16.33 13.78
CA ALA A 256 -14.50 17.26 14.42
C ALA A 256 -13.89 18.59 14.64
N ILE A 257 -12.75 18.77 13.95
CA ILE A 257 -11.70 19.86 14.15
C ILE A 257 -12.35 21.23 14.22
N ARG A 258 -13.36 21.55 13.28
CA ARG A 258 -13.90 22.93 13.27
C ARG A 258 -14.67 23.24 14.44
N THR A 259 -15.38 22.19 15.00
CA THR A 259 -16.29 22.27 16.16
C THR A 259 -15.42 22.44 17.41
N VAL A 260 -14.37 21.61 17.62
CA VAL A 260 -13.55 21.64 18.81
C VAL A 260 -12.79 22.96 19.02
N ILE A 261 -12.28 23.61 17.94
CA ILE A 261 -11.67 24.93 17.96
C ILE A 261 -12.63 25.97 18.50
N ALA A 262 -13.82 25.92 17.94
CA ALA A 262 -14.88 26.82 18.14
C ALA A 262 -15.35 26.82 19.61
N PHE A 263 -15.44 25.67 20.37
CA PHE A 263 -15.82 25.67 21.75
C PHE A 263 -14.71 25.78 22.66
N GLY A 264 -13.39 25.64 22.18
CA GLY A 264 -12.13 25.85 22.92
C GLY A 264 -11.82 24.72 23.84
N GLY A 265 -12.21 23.52 23.43
CA GLY A 265 -12.06 22.32 24.20
C GLY A 265 -10.83 21.65 23.75
N GLN A 266 -9.85 22.34 23.06
CA GLN A 266 -8.60 21.81 22.54
C GLN A 266 -7.69 21.16 23.64
N LYS A 267 -7.43 21.93 24.67
CA LYS A 267 -6.52 21.53 25.74
C LYS A 267 -6.90 20.31 26.46
N LYS A 268 -8.17 19.97 26.50
CA LYS A 268 -8.71 18.73 27.06
C LYS A 268 -8.55 17.54 26.13
N GLU A 269 -8.82 17.64 24.79
CA GLU A 269 -8.61 16.57 23.86
C GLU A 269 -7.08 16.29 23.78
N LEU A 270 -6.19 17.33 23.93
CA LEU A 270 -4.78 17.22 24.10
C LEU A 270 -4.33 16.38 25.29
N GLU A 271 -4.88 16.67 26.52
CA GLU A 271 -4.61 16.00 27.74
C GLU A 271 -5.00 14.54 27.74
N ARG A 272 -6.24 14.21 27.21
CA ARG A 272 -6.83 12.88 27.07
C ARG A 272 -5.95 12.10 26.17
N TYR A 273 -5.47 12.73 25.04
CA TYR A 273 -4.55 12.16 24.13
C TYR A 273 -3.16 11.87 24.74
N ASN A 274 -2.69 12.65 25.78
CA ASN A 274 -1.56 12.53 26.57
C ASN A 274 -1.67 11.40 27.55
N ASN A 275 -2.82 11.12 27.98
CA ASN A 275 -3.16 10.07 28.84
C ASN A 275 -2.95 8.64 28.29
N ASN A 276 -3.34 8.50 27.01
CA ASN A 276 -3.10 7.33 26.19
C ASN A 276 -1.65 7.09 25.93
N LEU A 277 -0.80 8.16 25.77
CA LEU A 277 0.63 8.20 25.59
C LEU A 277 1.32 7.73 26.87
N GLU A 278 0.89 8.08 28.14
CA GLU A 278 1.61 7.62 29.33
C GLU A 278 1.57 6.11 29.46
N GLU A 279 0.38 5.50 29.12
CA GLU A 279 0.27 4.05 29.22
C GLU A 279 1.00 3.30 28.15
N ALA A 280 0.97 3.81 26.86
CA ALA A 280 1.66 3.26 25.73
C ALA A 280 3.20 3.21 25.90
N LYS A 281 3.82 4.20 26.70
CA LYS A 281 5.25 4.22 26.77
C LYS A 281 5.69 3.09 27.68
N ARG A 282 4.90 2.74 28.76
CA ARG A 282 5.28 1.72 29.78
C ARG A 282 5.19 0.33 29.23
N LEU A 283 4.28 0.03 28.25
CA LEU A 283 4.22 -1.33 27.56
C LEU A 283 5.29 -1.50 26.51
N GLY A 284 5.75 -0.36 25.95
CA GLY A 284 6.72 -0.20 24.87
C GLY A 284 8.06 -0.58 25.40
N ILE A 285 8.41 -0.07 26.57
CA ILE A 285 9.65 -0.40 27.36
C ILE A 285 9.75 -1.81 27.97
N LYS A 286 8.62 -2.35 28.51
CA LYS A 286 8.61 -3.68 29.01
C LYS A 286 8.90 -4.63 27.83
N LYS A 287 8.42 -4.29 26.63
CA LYS A 287 8.66 -5.01 25.40
C LYS A 287 10.17 -5.04 25.03
N ALA A 288 10.80 -3.89 25.12
CA ALA A 288 12.19 -3.69 24.95
C ALA A 288 13.01 -4.41 25.92
N ILE A 289 12.70 -4.44 27.22
CA ILE A 289 13.26 -5.17 28.30
C ILE A 289 13.22 -6.64 28.06
N THR A 290 12.01 -7.22 27.77
CA THR A 290 11.83 -8.60 27.46
C THR A 290 12.53 -9.00 26.23
N ALA A 291 12.50 -8.11 25.19
CA ALA A 291 13.25 -8.47 24.01
C ALA A 291 14.72 -8.67 24.27
N ASN A 292 15.38 -7.78 25.00
CA ASN A 292 16.85 -7.89 25.29
C ASN A 292 17.31 -9.11 26.08
N ILE A 293 16.55 -9.50 27.09
CA ILE A 293 16.70 -10.67 27.95
C ILE A 293 16.51 -11.99 27.24
N SER A 294 15.46 -12.09 26.39
CA SER A 294 15.18 -13.23 25.55
C SER A 294 16.34 -13.39 24.54
N MET A 295 16.69 -12.26 23.82
CA MET A 295 17.79 -12.23 22.87
C MET A 295 19.17 -12.44 23.48
N GLY A 296 19.45 -11.93 24.73
CA GLY A 296 20.65 -12.14 25.49
C GLY A 296 20.97 -13.51 25.91
N ALA A 297 19.93 -14.13 26.50
CA ALA A 297 19.91 -15.52 26.97
C ALA A 297 20.04 -16.47 25.84
N ALA A 298 19.50 -16.16 24.69
CA ALA A 298 19.67 -16.92 23.38
C ALA A 298 21.04 -17.09 22.87
N PHE A 299 21.80 -15.92 22.95
CA PHE A 299 23.17 -15.96 22.58
C PHE A 299 24.01 -16.71 23.57
N LEU A 300 23.55 -16.69 24.86
CA LEU A 300 24.21 -17.40 26.00
C LEU A 300 24.38 -18.96 25.77
N LEU A 301 23.23 -19.60 25.40
CA LEU A 301 23.09 -21.00 25.15
C LEU A 301 23.85 -21.39 23.94
N ILE A 302 24.04 -20.52 22.95
CA ILE A 302 24.95 -20.69 21.76
C ILE A 302 26.39 -20.67 22.21
N TYR A 303 26.76 -19.66 23.12
CA TYR A 303 28.07 -19.66 23.62
C TYR A 303 28.45 -20.83 24.50
N ALA A 304 27.46 -21.30 25.31
CA ALA A 304 27.67 -22.46 26.17
C ALA A 304 27.98 -23.68 25.30
N SER A 305 27.19 -23.94 24.31
CA SER A 305 27.39 -25.07 23.39
C SER A 305 28.70 -25.11 22.67
N TYR A 306 29.14 -23.84 22.26
CA TYR A 306 30.38 -23.59 21.59
C TYR A 306 31.49 -24.03 22.54
N ALA A 307 31.44 -23.72 23.90
CA ALA A 307 32.40 -24.18 24.89
C ALA A 307 32.34 -25.60 25.23
N LEU A 308 31.09 -26.16 25.31
CA LEU A 308 30.74 -27.46 25.77
C LEU A 308 31.28 -28.54 24.87
N ALA A 309 31.20 -28.17 23.63
CA ALA A 309 31.73 -28.98 22.55
C ALA A 309 33.21 -29.23 22.69
N PHE A 310 33.90 -28.18 23.21
CA PHE A 310 35.35 -28.24 23.33
C PHE A 310 35.72 -29.10 24.46
N TRP A 311 35.03 -28.96 25.58
CA TRP A 311 35.21 -29.62 26.85
C TRP A 311 35.04 -31.16 26.72
N TYR A 312 34.00 -31.56 26.02
CA TYR A 312 33.71 -33.00 25.77
C TYR A 312 34.59 -33.44 24.62
N GLY A 313 35.08 -32.57 23.78
CA GLY A 313 35.96 -32.80 22.64
C GLY A 313 37.36 -33.15 23.11
N THR A 314 37.78 -32.55 24.25
CA THR A 314 39.09 -32.64 24.91
C THR A 314 39.26 -33.98 25.59
N SER A 315 38.13 -34.45 26.11
CA SER A 315 38.05 -35.75 26.70
C SER A 315 38.38 -36.87 25.74
N LEU A 316 38.13 -36.65 24.47
CA LEU A 316 38.50 -37.50 23.36
C LEU A 316 39.94 -37.36 22.83
N VAL A 317 40.73 -36.50 23.46
CA VAL A 317 42.10 -36.24 23.07
C VAL A 317 43.07 -36.88 24.04
N ILE A 318 42.97 -36.42 25.30
CA ILE A 318 43.85 -36.71 26.39
C ILE A 318 43.85 -38.16 26.55
N SER A 319 42.66 -38.78 26.77
CA SER A 319 42.63 -40.17 27.01
C SER A 319 42.41 -41.04 25.79
N LYS A 320 42.35 -40.47 24.55
CA LYS A 320 42.02 -41.27 23.44
C LYS A 320 42.62 -40.66 22.16
N GLU A 321 42.77 -41.51 21.08
CA GLU A 321 43.19 -41.12 19.77
C GLU A 321 42.08 -41.04 18.88
N TYR A 322 40.87 -41.08 19.52
CA TYR A 322 39.53 -40.86 18.97
C TYR A 322 39.34 -39.54 18.32
N SER A 323 39.88 -38.40 18.79
CA SER A 323 39.74 -37.14 18.15
C SER A 323 41.21 -36.72 17.98
N ILE A 324 41.59 -36.31 16.75
CA ILE A 324 42.99 -35.82 16.34
C ILE A 324 42.87 -34.42 15.81
N GLY A 325 41.65 -33.81 16.12
CA GLY A 325 41.27 -32.50 15.73
C GLY A 325 40.28 -32.43 14.63
N GLN A 326 39.85 -33.62 14.10
CA GLN A 326 39.06 -33.81 12.94
C GLN A 326 37.72 -33.32 13.27
N VAL A 327 37.10 -34.02 14.24
CA VAL A 327 35.71 -33.80 14.71
C VAL A 327 35.56 -32.46 15.31
N LEU A 328 36.59 -31.86 15.96
CA LEU A 328 36.49 -30.50 16.53
C LEU A 328 36.10 -29.52 15.43
N THR A 329 36.74 -29.64 14.23
CA THR A 329 36.31 -28.81 13.13
C THR A 329 35.07 -29.21 12.46
N VAL A 330 34.89 -30.56 12.37
CA VAL A 330 33.82 -31.03 11.54
C VAL A 330 32.41 -30.63 12.15
N PHE A 331 32.36 -30.71 13.56
CA PHE A 331 31.25 -30.28 14.39
C PHE A 331 31.00 -28.82 14.44
N PHE A 332 32.02 -27.98 14.24
CA PHE A 332 31.71 -26.60 14.02
C PHE A 332 30.92 -26.43 12.73
N SER A 333 31.25 -27.19 11.68
CA SER A 333 30.48 -27.03 10.46
C SER A 333 29.04 -27.56 10.52
N VAL A 334 28.78 -28.53 11.45
CA VAL A 334 27.45 -29.04 11.76
C VAL A 334 26.60 -28.01 12.44
N LEU A 335 27.22 -27.11 13.27
CA LEU A 335 26.52 -25.94 13.70
C LEU A 335 26.16 -24.96 12.65
N ILE A 336 27.08 -24.74 11.66
CA ILE A 336 26.79 -23.89 10.51
C ILE A 336 25.69 -24.51 9.75
N GLY A 337 25.50 -25.84 9.71
CA GLY A 337 24.45 -26.61 9.08
C GLY A 337 23.07 -26.43 9.72
N ALA A 338 23.08 -26.23 11.06
CA ALA A 338 21.92 -26.05 11.83
C ALA A 338 21.36 -24.66 11.57
N PHE A 339 22.21 -23.63 11.31
CA PHE A 339 21.88 -22.31 10.91
C PHE A 339 21.33 -22.26 9.44
N SER A 340 21.72 -23.26 8.59
CA SER A 340 21.39 -23.50 7.19
C SER A 340 19.97 -23.93 7.06
N VAL A 341 19.45 -24.58 8.08
CA VAL A 341 18.04 -24.87 8.36
C VAL A 341 17.28 -23.60 8.56
N GLY A 342 17.82 -22.57 9.19
CA GLY A 342 17.28 -21.19 9.36
C GLY A 342 17.15 -20.28 8.11
N GLN A 343 18.00 -20.59 7.13
CA GLN A 343 18.02 -20.12 5.80
C GLN A 343 17.11 -20.76 4.84
N ALA A 344 16.65 -21.93 5.29
CA ALA A 344 15.69 -22.78 4.55
C ALA A 344 14.40 -22.24 4.66
N SER A 345 14.04 -21.90 5.88
CA SER A 345 12.82 -21.31 6.26
C SER A 345 12.37 -20.15 5.38
N PRO A 346 13.17 -19.07 5.03
CA PRO A 346 12.77 -18.08 4.08
C PRO A 346 12.47 -18.66 2.71
N ASN A 347 13.22 -19.68 2.22
CA ASN A 347 13.10 -20.27 0.94
C ASN A 347 11.80 -20.86 0.69
N ILE A 348 11.31 -21.52 1.78
CA ILE A 348 10.08 -22.19 1.91
C ILE A 348 8.99 -21.19 1.90
N GLU A 349 9.15 -20.07 2.69
CA GLU A 349 8.11 -19.02 2.74
C GLU A 349 7.83 -18.35 1.43
N ALA A 350 8.93 -18.26 0.58
CA ALA A 350 8.87 -17.71 -0.77
C ALA A 350 8.10 -18.60 -1.73
N PHE A 351 8.30 -19.93 -1.54
CA PHE A 351 7.65 -20.95 -2.24
C PHE A 351 6.16 -21.05 -1.92
N ALA A 352 5.80 -20.95 -0.62
CA ALA A 352 4.41 -20.98 -0.16
C ALA A 352 3.69 -19.81 -0.75
N ASN A 353 4.23 -18.55 -0.65
CA ASN A 353 3.64 -17.31 -1.13
C ASN A 353 3.49 -17.36 -2.68
N ALA A 354 4.38 -18.05 -3.35
CA ALA A 354 4.38 -18.25 -4.80
C ALA A 354 3.33 -19.20 -5.31
N ARG A 355 3.12 -20.38 -4.68
CA ARG A 355 2.11 -21.38 -4.89
C ARG A 355 0.76 -20.72 -4.54
N GLY A 356 0.64 -20.15 -3.32
CA GLY A 356 -0.67 -19.56 -2.95
C GLY A 356 -1.19 -18.52 -3.80
N ALA A 357 -0.31 -17.58 -4.23
CA ALA A 357 -0.75 -16.59 -5.17
C ALA A 357 -1.12 -17.16 -6.55
N ALA A 358 -0.40 -18.14 -7.05
CA ALA A 358 -0.50 -18.76 -8.33
C ALA A 358 -1.77 -19.58 -8.44
N TYR A 359 -2.04 -20.43 -7.43
CA TYR A 359 -3.12 -21.37 -7.59
C TYR A 359 -4.50 -20.63 -7.63
N GLU A 360 -4.51 -19.48 -6.95
CA GLU A 360 -5.73 -18.65 -6.96
C GLU A 360 -6.01 -18.01 -8.32
N VAL A 361 -5.07 -17.49 -9.09
CA VAL A 361 -5.36 -17.00 -10.41
C VAL A 361 -5.37 -18.05 -11.48
N PHE A 362 -4.88 -19.26 -11.17
CA PHE A 362 -4.83 -20.46 -12.02
C PHE A 362 -6.24 -20.78 -12.35
N LYS A 363 -7.13 -20.55 -11.23
CA LYS A 363 -8.54 -20.73 -11.27
C LYS A 363 -9.21 -19.92 -12.35
N ILE A 364 -8.89 -18.64 -12.57
CA ILE A 364 -9.41 -17.91 -13.67
C ILE A 364 -8.74 -18.18 -14.97
N ILE A 365 -7.42 -18.32 -14.93
CA ILE A 365 -6.54 -18.73 -16.05
C ILE A 365 -7.03 -20.03 -16.81
N ASP A 366 -7.13 -21.11 -16.06
CA ASP A 366 -7.49 -22.44 -16.54
C ASP A 366 -8.87 -22.62 -16.06
N ASN A 367 -9.83 -23.00 -16.91
CA ASN A 367 -11.21 -23.05 -16.59
C ASN A 367 -11.77 -21.69 -16.91
N LYS A 368 -12.50 -21.49 -18.06
CA LYS A 368 -13.24 -20.28 -18.37
C LYS A 368 -14.56 -20.68 -17.78
N PRO A 369 -15.50 -19.83 -17.35
CA PRO A 369 -16.74 -20.29 -16.85
C PRO A 369 -17.61 -20.90 -17.97
N SER A 370 -17.59 -20.26 -19.21
CA SER A 370 -18.04 -20.84 -20.46
C SER A 370 -19.58 -21.26 -20.60
N ILE A 371 -20.01 -21.67 -21.88
CA ILE A 371 -21.29 -22.19 -22.19
C ILE A 371 -22.33 -21.08 -22.15
N ASP A 372 -21.95 -19.80 -22.45
CA ASP A 372 -22.84 -18.69 -22.55
C ASP A 372 -21.93 -17.54 -22.97
N SER A 373 -20.63 -17.85 -23.33
CA SER A 373 -19.67 -16.84 -23.55
C SER A 373 -18.76 -17.48 -24.58
N PHE A 374 -17.66 -18.11 -24.25
CA PHE A 374 -16.63 -18.60 -25.15
C PHE A 374 -16.16 -17.47 -26.08
N SER A 375 -15.72 -17.83 -27.33
CA SER A 375 -15.44 -16.87 -28.37
C SER A 375 -15.14 -17.60 -29.59
N LYS A 376 -15.14 -18.97 -29.58
CA LYS A 376 -14.47 -19.73 -30.69
C LYS A 376 -15.26 -20.97 -30.91
N SER A 377 -15.45 -21.26 -32.25
CA SER A 377 -16.21 -22.37 -32.78
C SER A 377 -17.70 -22.18 -32.57
N GLY A 378 -18.40 -23.15 -33.16
CA GLY A 378 -19.89 -23.07 -33.39
C GLY A 378 -20.20 -22.83 -34.89
N HIS A 379 -21.47 -23.13 -35.16
CA HIS A 379 -22.08 -23.04 -36.45
C HIS A 379 -22.19 -21.67 -36.85
N LYS A 380 -22.24 -21.39 -38.17
CA LYS A 380 -22.50 -20.05 -38.66
C LYS A 380 -23.68 -20.07 -39.63
N PRO A 381 -24.74 -19.32 -39.32
CA PRO A 381 -25.86 -19.24 -40.26
C PRO A 381 -25.57 -18.18 -41.28
N ASP A 382 -26.55 -17.75 -42.11
CA ASP A 382 -26.36 -16.67 -43.02
C ASP A 382 -27.41 -15.66 -42.65
N ASN A 383 -26.99 -14.44 -42.41
CA ASN A 383 -27.81 -13.31 -42.01
C ASN A 383 -27.69 -12.25 -43.08
N ILE A 384 -28.78 -12.14 -43.77
CA ILE A 384 -29.15 -11.10 -44.59
C ILE A 384 -30.46 -10.53 -44.07
N GLN A 385 -30.43 -9.28 -43.49
CA GLN A 385 -31.56 -8.58 -42.89
C GLN A 385 -32.22 -9.41 -41.78
N GLY A 386 -31.36 -9.73 -40.74
CA GLY A 386 -31.76 -10.43 -39.52
C GLY A 386 -32.94 -9.75 -38.92
N ASN A 387 -33.80 -10.54 -38.23
CA ASN A 387 -34.83 -9.94 -37.42
C ASN A 387 -34.41 -9.97 -36.02
N LEU A 388 -35.17 -9.23 -35.18
CA LEU A 388 -35.06 -9.27 -33.81
C LEU A 388 -36.38 -9.74 -33.38
N GLU A 389 -36.33 -10.86 -32.73
CA GLU A 389 -37.55 -11.44 -32.24
C GLU A 389 -37.26 -11.83 -30.89
N PHE A 390 -38.12 -11.32 -29.98
CA PHE A 390 -37.90 -11.51 -28.65
C PHE A 390 -38.98 -12.41 -28.13
N LYS A 391 -38.72 -13.51 -27.47
CA LYS A 391 -39.69 -14.42 -27.03
C LYS A 391 -39.57 -14.66 -25.57
N ASN A 392 -40.60 -14.21 -24.83
CA ASN A 392 -40.86 -14.29 -23.41
C ASN A 392 -39.61 -14.14 -22.54
N ILE A 393 -38.98 -12.95 -22.47
CA ILE A 393 -37.69 -12.80 -21.81
C ILE A 393 -37.82 -12.05 -20.52
N HIS A 394 -37.27 -12.68 -19.42
CA HIS A 394 -37.21 -12.17 -18.13
C HIS A 394 -35.77 -12.36 -17.80
N PHE A 395 -35.18 -11.37 -17.07
CA PHE A 395 -33.80 -11.50 -16.77
C PHE A 395 -33.56 -10.66 -15.58
N SER A 396 -32.50 -10.99 -14.81
CA SER A 396 -32.02 -10.21 -13.67
C SER A 396 -30.51 -10.15 -13.72
N TYR A 397 -29.92 -8.99 -13.26
CA TYR A 397 -28.53 -8.74 -13.08
C TYR A 397 -28.01 -9.64 -12.02
N PRO A 398 -26.67 -9.80 -11.93
CA PRO A 398 -26.06 -10.64 -10.89
C PRO A 398 -26.22 -10.06 -9.46
N SER A 399 -25.81 -8.74 -9.27
CA SER A 399 -25.98 -8.01 -8.07
C SER A 399 -27.48 -7.97 -7.84
N ARG A 400 -27.80 -8.03 -6.58
CA ARG A 400 -29.17 -8.25 -6.21
C ARG A 400 -29.63 -6.93 -5.68
N LYS A 401 -29.26 -5.88 -6.36
CA LYS A 401 -29.58 -4.56 -6.03
C LYS A 401 -30.79 -4.20 -6.89
N GLU A 402 -30.79 -4.71 -8.19
CA GLU A 402 -31.81 -4.60 -9.23
C GLU A 402 -32.02 -6.02 -9.69
N VAL A 403 -33.22 -6.58 -9.46
CA VAL A 403 -33.59 -7.93 -9.72
C VAL A 403 -34.81 -7.86 -10.70
N GLN A 404 -34.74 -8.58 -11.87
CA GLN A 404 -35.81 -8.55 -12.93
C GLN A 404 -35.98 -7.18 -13.41
N ILE A 405 -35.08 -6.59 -14.26
CA ILE A 405 -35.16 -5.26 -14.77
C ILE A 405 -36.07 -5.43 -16.00
N LEU A 406 -35.94 -6.67 -16.63
CA LEU A 406 -36.64 -7.14 -17.77
C LEU A 406 -37.57 -8.18 -17.18
N LYS A 407 -38.88 -8.17 -17.61
CA LYS A 407 -39.85 -9.21 -17.17
C LYS A 407 -41.10 -9.31 -17.92
N GLY A 408 -40.95 -10.29 -18.89
CA GLY A 408 -41.96 -10.64 -19.84
C GLY A 408 -41.85 -9.70 -21.01
N LEU A 409 -41.34 -10.21 -22.19
CA LEU A 409 -41.12 -9.36 -23.36
C LEU A 409 -41.60 -10.12 -24.57
N ASN A 410 -42.48 -9.51 -25.46
CA ASN A 410 -42.84 -10.03 -26.72
C ASN A 410 -42.77 -8.86 -27.64
N LEU A 411 -41.81 -8.91 -28.49
CA LEU A 411 -41.55 -7.86 -29.39
C LEU A 411 -41.12 -8.55 -30.64
N LYS A 412 -41.69 -8.16 -31.80
CA LYS A 412 -41.37 -8.74 -33.14
C LYS A 412 -41.27 -7.58 -34.04
N VAL A 413 -40.05 -7.41 -34.54
CA VAL A 413 -39.59 -6.34 -35.37
C VAL A 413 -39.21 -7.08 -36.69
N LYS A 414 -39.83 -6.50 -37.78
CA LYS A 414 -39.64 -6.99 -39.18
C LYS A 414 -38.42 -6.30 -39.63
N SER A 415 -37.64 -6.90 -40.62
CA SER A 415 -36.56 -6.25 -41.30
C SER A 415 -36.97 -5.04 -42.01
N GLY A 416 -36.17 -3.96 -41.82
CA GLY A 416 -36.26 -2.69 -42.57
C GLY A 416 -37.19 -1.78 -41.83
N GLN A 417 -37.18 -2.01 -40.53
CA GLN A 417 -37.85 -1.25 -39.53
C GLN A 417 -36.81 -0.59 -38.62
N THR A 418 -37.24 0.41 -37.87
CA THR A 418 -36.45 1.09 -36.92
C THR A 418 -37.24 1.12 -35.65
N VAL A 419 -36.74 0.40 -34.60
CA VAL A 419 -37.46 0.32 -33.36
C VAL A 419 -36.93 1.25 -32.36
N ALA A 420 -37.82 1.92 -31.62
CA ALA A 420 -37.48 2.96 -30.61
C ALA A 420 -37.78 2.41 -29.26
N LEU A 421 -36.97 2.67 -28.28
CA LEU A 421 -37.17 2.20 -26.94
C LEU A 421 -37.29 3.51 -26.14
N VAL A 422 -38.48 3.74 -25.50
CA VAL A 422 -38.59 4.77 -24.48
C VAL A 422 -39.03 4.05 -23.20
N GLY A 423 -38.60 4.60 -22.03
CA GLY A 423 -38.97 3.96 -20.77
C GLY A 423 -38.46 4.91 -19.69
N ASN A 424 -38.27 4.25 -18.54
CA ASN A 424 -37.84 4.78 -17.25
C ASN A 424 -36.60 4.07 -16.91
N SER A 425 -35.71 4.61 -15.97
CA SER A 425 -34.46 3.92 -15.71
C SER A 425 -34.78 2.70 -14.77
N GLY A 426 -34.48 1.37 -15.15
CA GLY A 426 -34.84 0.16 -14.45
C GLY A 426 -35.57 -0.67 -15.41
N CYS A 427 -35.78 -0.26 -16.68
CA CYS A 427 -36.45 -1.10 -17.63
C CYS A 427 -35.54 -2.07 -18.21
N GLY A 428 -34.26 -1.80 -18.06
CA GLY A 428 -33.23 -2.66 -18.61
C GLY A 428 -33.19 -2.62 -20.08
N LYS A 429 -33.11 -1.38 -20.66
CA LYS A 429 -32.88 -1.13 -22.04
C LYS A 429 -31.47 -1.69 -22.47
N SER A 430 -30.51 -1.49 -21.54
CA SER A 430 -29.17 -1.97 -21.62
C SER A 430 -29.06 -3.46 -21.60
N THR A 431 -29.91 -4.07 -20.80
CA THR A 431 -30.01 -5.48 -20.69
C THR A 431 -30.35 -6.25 -21.96
N THR A 432 -31.35 -5.77 -22.75
CA THR A 432 -31.79 -6.31 -24.07
C THR A 432 -30.64 -6.25 -25.09
N VAL A 433 -29.79 -5.17 -24.98
CA VAL A 433 -28.66 -4.96 -25.85
C VAL A 433 -27.50 -5.98 -25.57
N GLN A 434 -27.29 -6.45 -24.32
CA GLN A 434 -26.34 -7.45 -23.90
C GLN A 434 -26.71 -8.91 -24.29
N LEU A 435 -28.05 -9.19 -24.18
CA LEU A 435 -28.70 -10.48 -24.44
C LEU A 435 -28.63 -10.81 -25.93
N MET A 436 -28.71 -9.77 -26.77
CA MET A 436 -28.63 -9.82 -28.18
C MET A 436 -27.28 -10.29 -28.68
N GLN A 437 -26.18 -10.10 -27.87
CA GLN A 437 -24.79 -10.44 -28.22
C GLN A 437 -24.64 -11.86 -27.83
N ARG A 438 -25.39 -12.29 -26.78
CA ARG A 438 -25.23 -13.58 -26.17
C ARG A 438 -24.12 -13.54 -25.12
N LEU A 439 -23.98 -12.42 -24.46
CA LEU A 439 -23.09 -12.23 -23.35
C LEU A 439 -23.66 -12.98 -22.19
N TYR A 440 -25.02 -12.94 -22.00
CA TYR A 440 -25.71 -13.74 -21.09
C TYR A 440 -26.67 -14.53 -21.97
N ASP A 441 -27.12 -15.62 -21.36
CA ASP A 441 -28.08 -16.53 -21.89
C ASP A 441 -29.28 -16.18 -21.07
N PRO A 442 -30.47 -15.83 -21.64
CA PRO A 442 -31.56 -15.28 -20.86
C PRO A 442 -32.16 -16.27 -19.89
N LEU A 443 -32.73 -15.81 -18.76
CA LEU A 443 -33.26 -16.66 -17.71
C LEU A 443 -34.41 -17.42 -18.23
N ASP A 444 -35.42 -16.72 -18.93
CA ASP A 444 -36.56 -17.27 -19.45
C ASP A 444 -36.56 -16.89 -20.94
N GLY A 445 -37.15 -17.87 -21.72
CA GLY A 445 -37.30 -17.79 -23.19
C GLY A 445 -35.92 -17.63 -23.83
N MET A 446 -35.93 -17.05 -25.05
CA MET A 446 -34.82 -16.99 -25.95
C MET A 446 -35.12 -15.76 -26.76
N VAL A 447 -34.06 -15.17 -27.32
CA VAL A 447 -34.08 -14.16 -28.33
C VAL A 447 -33.51 -14.86 -29.60
N SER A 448 -34.31 -14.84 -30.69
CA SER A 448 -34.06 -15.53 -31.97
C SER A 448 -33.74 -14.51 -33.09
N ILE A 449 -32.42 -14.55 -33.51
CA ILE A 449 -31.79 -13.88 -34.63
C ILE A 449 -32.16 -14.54 -35.93
N ASP A 450 -32.86 -13.82 -36.85
CA ASP A 450 -33.33 -14.19 -38.24
C ASP A 450 -34.31 -15.31 -38.15
N GLY A 451 -34.97 -15.37 -36.94
CA GLY A 451 -35.97 -16.31 -36.47
C GLY A 451 -35.35 -17.60 -36.12
N GLN A 452 -33.99 -17.53 -35.91
CA GLN A 452 -33.18 -18.74 -35.72
C GLN A 452 -32.49 -18.56 -34.34
N ASP A 453 -32.26 -19.63 -33.49
CA ASP A 453 -31.65 -19.54 -32.15
C ASP A 453 -30.26 -18.90 -32.15
N ILE A 454 -29.97 -18.10 -31.07
CA ILE A 454 -28.80 -17.31 -30.99
C ILE A 454 -27.73 -17.97 -30.07
N ARG A 455 -28.04 -19.19 -29.42
CA ARG A 455 -27.27 -19.90 -28.42
C ARG A 455 -26.71 -21.16 -28.96
N THR A 456 -26.86 -21.34 -30.28
CA THR A 456 -26.38 -22.48 -30.96
C THR A 456 -25.18 -22.12 -31.88
N ILE A 457 -25.05 -20.80 -32.19
CA ILE A 457 -24.23 -20.36 -33.19
C ILE A 457 -23.01 -19.75 -32.51
N ASN A 458 -21.94 -19.57 -33.39
CA ASN A 458 -20.66 -19.01 -33.00
C ASN A 458 -20.95 -17.52 -32.69
N VAL A 459 -20.40 -17.03 -31.50
CA VAL A 459 -20.48 -15.65 -31.02
C VAL A 459 -19.79 -14.68 -31.89
N ARG A 460 -18.59 -15.04 -32.34
CA ARG A 460 -17.77 -14.16 -33.21
C ARG A 460 -18.40 -13.68 -34.42
N TYR A 461 -19.07 -14.61 -35.10
CA TYR A 461 -19.70 -14.25 -36.34
C TYR A 461 -20.92 -13.31 -36.18
N LEU A 462 -21.66 -13.66 -35.13
CA LEU A 462 -22.83 -13.03 -34.52
C LEU A 462 -22.53 -11.55 -34.10
N ARG A 463 -21.37 -11.30 -33.48
CA ARG A 463 -20.88 -10.02 -33.12
C ARG A 463 -20.65 -9.13 -34.30
N GLU A 464 -20.24 -9.68 -35.40
CA GLU A 464 -19.89 -8.96 -36.65
C GLU A 464 -21.05 -8.44 -37.48
N ILE A 465 -22.26 -9.07 -37.32
CA ILE A 465 -23.49 -8.60 -37.97
C ILE A 465 -24.14 -7.58 -37.09
N ILE A 466 -23.70 -7.36 -35.83
CA ILE A 466 -24.31 -6.50 -34.88
C ILE A 466 -23.32 -5.46 -34.56
N GLY A 467 -23.60 -4.24 -34.93
CA GLY A 467 -22.96 -3.05 -34.66
C GLY A 467 -23.44 -2.54 -33.36
N VAL A 468 -22.55 -1.90 -32.65
CA VAL A 468 -22.97 -1.42 -31.34
C VAL A 468 -22.40 -0.05 -31.29
N VAL A 469 -23.18 1.02 -31.00
CA VAL A 469 -22.58 2.30 -30.76
C VAL A 469 -22.88 2.61 -29.33
N SER A 470 -21.78 2.53 -28.46
CA SER A 470 -21.61 2.70 -27.10
C SER A 470 -22.07 4.02 -26.54
N GLN A 471 -22.43 4.02 -25.22
CA GLN A 471 -22.88 5.14 -24.42
C GLN A 471 -21.66 5.90 -23.75
N GLU A 472 -20.51 5.24 -23.74
CA GLU A 472 -19.29 5.82 -23.45
C GLU A 472 -18.47 5.47 -24.68
N PRO A 473 -17.99 6.56 -25.42
CA PRO A 473 -17.31 6.43 -26.69
C PRO A 473 -15.84 6.34 -26.36
N VAL A 474 -15.35 5.63 -25.29
CA VAL A 474 -13.92 5.46 -24.95
C VAL A 474 -13.32 4.48 -25.93
N LEU A 475 -12.12 4.88 -26.48
CA LEU A 475 -11.32 4.12 -27.43
C LEU A 475 -9.91 4.11 -27.02
N PHE A 476 -9.06 3.38 -27.81
CA PHE A 476 -7.59 3.30 -27.45
C PHE A 476 -6.94 4.64 -27.85
N ALA A 477 -5.73 4.83 -27.39
CA ALA A 477 -5.03 6.08 -27.55
C ALA A 477 -3.94 5.95 -28.51
N THR A 478 -4.34 5.83 -29.80
CA THR A 478 -3.67 5.26 -30.91
C THR A 478 -4.21 6.16 -31.99
N THR A 479 -3.61 6.15 -33.21
CA THR A 479 -3.93 6.87 -34.40
C THR A 479 -5.39 6.79 -34.87
N ILE A 480 -5.85 7.85 -35.58
CA ILE A 480 -7.19 7.93 -36.13
C ILE A 480 -7.38 6.88 -37.15
N ALA A 481 -6.29 6.58 -37.88
CA ALA A 481 -6.26 5.45 -38.83
C ALA A 481 -6.46 4.14 -38.08
N GLU A 482 -5.83 3.94 -36.85
CA GLU A 482 -5.89 2.66 -36.10
C GLU A 482 -7.28 2.39 -35.50
N ASN A 483 -7.92 3.53 -35.07
CA ASN A 483 -9.30 3.48 -34.56
C ASN A 483 -10.37 3.07 -35.52
N ILE A 484 -10.31 3.43 -36.82
CA ILE A 484 -11.16 2.90 -37.82
C ILE A 484 -10.78 1.47 -38.05
N ARG A 485 -9.47 1.17 -38.11
CA ARG A 485 -8.87 -0.12 -38.32
C ARG A 485 -9.20 -1.27 -37.35
N TYR A 486 -9.66 -0.94 -36.14
CA TYR A 486 -10.21 -1.88 -35.13
C TYR A 486 -11.57 -2.44 -35.47
N GLY A 487 -12.31 -1.69 -36.28
CA GLY A 487 -13.64 -2.18 -36.73
C GLY A 487 -13.57 -3.40 -37.66
N ARG A 488 -12.63 -3.51 -38.67
CA ARG A 488 -12.42 -4.77 -39.43
C ARG A 488 -11.02 -4.77 -39.84
N GLU A 489 -10.35 -5.98 -39.86
CA GLU A 489 -8.89 -6.15 -40.08
C GLU A 489 -8.81 -6.32 -41.59
N ASP A 490 -9.31 -5.30 -42.38
CA ASP A 490 -9.24 -5.38 -43.84
C ASP A 490 -9.47 -3.99 -44.42
N VAL A 491 -9.78 -2.97 -43.58
CA VAL A 491 -10.11 -1.54 -44.00
C VAL A 491 -8.84 -0.97 -44.56
N THR A 492 -8.96 -0.43 -45.83
CA THR A 492 -7.85 0.27 -46.48
C THR A 492 -8.08 1.76 -46.26
N MET A 493 -7.01 2.55 -46.37
CA MET A 493 -7.06 3.94 -46.00
C MET A 493 -8.08 4.83 -46.81
N ASP A 494 -8.43 4.30 -48.03
CA ASP A 494 -9.57 4.88 -48.68
C ASP A 494 -10.84 4.85 -48.01
N GLU A 495 -11.19 3.69 -47.40
CA GLU A 495 -12.40 3.47 -46.64
C GLU A 495 -12.33 4.25 -45.36
N ILE A 496 -11.10 4.38 -44.77
CA ILE A 496 -10.90 5.26 -43.58
C ILE A 496 -11.32 6.70 -44.02
N GLU A 497 -10.81 7.19 -45.22
CA GLU A 497 -11.10 8.47 -45.75
C GLU A 497 -12.61 8.64 -45.96
N LYS A 498 -13.30 7.68 -46.59
CA LYS A 498 -14.69 7.62 -46.88
C LYS A 498 -15.44 7.68 -45.56
N ALA A 499 -14.96 7.02 -44.51
CA ALA A 499 -15.61 6.90 -43.18
C ALA A 499 -15.81 8.21 -42.48
N VAL A 500 -14.73 9.01 -42.34
CA VAL A 500 -14.69 10.28 -41.62
C VAL A 500 -15.51 11.29 -42.35
N LYS A 501 -15.56 11.22 -43.71
CA LYS A 501 -16.34 12.12 -44.50
C LYS A 501 -17.83 12.07 -44.45
N GLU A 502 -18.46 10.85 -44.40
CA GLU A 502 -19.83 10.62 -44.17
C GLU A 502 -20.22 10.70 -42.69
N ALA A 503 -19.16 10.48 -41.77
CA ALA A 503 -19.39 10.48 -40.34
C ALA A 503 -19.18 11.87 -39.80
N ASN A 504 -18.94 12.88 -40.64
CA ASN A 504 -18.58 14.29 -40.37
C ASN A 504 -17.64 14.42 -39.24
N ALA A 505 -16.65 13.47 -39.25
CA ALA A 505 -15.46 13.41 -38.36
C ALA A 505 -14.25 13.93 -39.05
N TYR A 506 -14.41 14.42 -40.32
CA TYR A 506 -13.44 14.82 -41.26
C TYR A 506 -12.94 16.25 -40.99
N ASP A 507 -13.40 16.91 -39.95
CA ASP A 507 -13.06 18.23 -39.56
C ASP A 507 -11.81 18.21 -38.78
N PHE A 508 -11.84 17.58 -37.52
CA PHE A 508 -10.82 17.57 -36.53
C PHE A 508 -9.57 16.97 -37.04
N ILE A 509 -9.55 16.01 -37.99
CA ILE A 509 -8.34 15.37 -38.48
C ILE A 509 -7.55 16.36 -39.30
N MET A 510 -8.26 17.24 -39.97
CA MET A 510 -7.51 18.25 -40.70
C MET A 510 -6.86 19.27 -39.86
N LYS A 511 -7.54 19.85 -38.82
CA LYS A 511 -7.04 20.81 -37.83
C LYS A 511 -5.80 20.25 -37.11
N LEU A 512 -5.84 18.89 -36.83
CA LEU A 512 -4.83 18.10 -36.21
C LEU A 512 -3.67 17.92 -37.13
N PRO A 513 -2.45 18.17 -36.72
CA PRO A 513 -1.32 17.91 -37.54
C PRO A 513 -1.17 16.43 -37.78
N HIS A 514 -1.04 16.01 -39.03
CA HIS A 514 -0.62 14.73 -39.56
C HIS A 514 -1.78 13.98 -40.03
N GLN A 515 -3.05 14.55 -40.22
CA GLN A 515 -4.20 13.83 -40.72
C GLN A 515 -4.39 12.61 -39.88
N PHE A 516 -4.46 11.45 -40.53
CA PHE A 516 -4.84 10.13 -39.97
C PHE A 516 -3.82 9.62 -39.00
N ASP A 517 -2.60 10.09 -39.13
CA ASP A 517 -1.42 9.55 -38.48
C ASP A 517 -1.28 10.34 -37.15
N THR A 518 -2.22 11.19 -36.81
CA THR A 518 -2.30 11.89 -35.51
C THR A 518 -2.72 10.82 -34.50
N LEU A 519 -1.85 10.65 -33.54
CA LEU A 519 -1.95 9.68 -32.50
C LEU A 519 -2.90 10.29 -31.48
N VAL A 520 -3.89 9.53 -30.89
CA VAL A 520 -4.75 10.20 -29.91
C VAL A 520 -3.95 10.46 -28.62
N GLY A 521 -3.70 11.75 -28.35
CA GLY A 521 -2.72 12.18 -27.25
C GLY A 521 -3.31 12.11 -25.91
N GLU A 522 -2.37 11.97 -24.96
CA GLU A 522 -2.67 11.83 -23.60
C GLU A 522 -3.71 10.78 -23.25
N ARG A 523 -4.67 11.17 -22.43
CA ARG A 523 -5.62 10.23 -21.84
C ARG A 523 -6.95 10.57 -22.49
N GLY A 524 -6.85 11.21 -23.75
CA GLY A 524 -7.93 11.77 -24.42
C GLY A 524 -7.98 13.22 -23.99
N ALA A 525 -7.43 14.12 -24.83
CA ALA A 525 -7.36 15.58 -24.57
C ALA A 525 -7.28 16.22 -25.94
N GLN A 526 -7.08 15.43 -27.01
CA GLN A 526 -6.99 15.91 -28.35
C GLN A 526 -8.44 15.88 -29.01
N LEU A 527 -9.45 15.36 -28.26
CA LEU A 527 -10.76 15.10 -28.62
C LEU A 527 -11.80 15.46 -27.50
N SER A 528 -13.01 15.96 -27.91
CA SER A 528 -14.05 16.37 -27.08
C SER A 528 -14.82 15.06 -26.88
N GLY A 529 -15.92 15.06 -26.03
CA GLY A 529 -16.74 13.87 -25.93
C GLY A 529 -17.43 13.61 -27.28
N GLY A 530 -17.79 14.71 -27.96
CA GLY A 530 -18.50 14.70 -29.24
C GLY A 530 -17.75 14.16 -30.36
N GLN A 531 -16.45 14.46 -30.31
CA GLN A 531 -15.56 14.00 -31.37
C GLN A 531 -15.33 12.49 -31.31
N LYS A 532 -15.24 11.93 -30.07
CA LYS A 532 -15.11 10.51 -29.79
C LYS A 532 -16.20 9.72 -30.37
N GLN A 533 -17.45 10.20 -30.13
CA GLN A 533 -18.69 9.59 -30.56
C GLN A 533 -18.70 9.52 -32.00
N ARG A 534 -18.25 10.57 -32.73
CA ARG A 534 -18.10 10.61 -34.15
C ARG A 534 -17.20 9.56 -34.75
N ILE A 535 -16.03 9.23 -34.09
CA ILE A 535 -15.13 8.16 -34.47
C ILE A 535 -15.93 6.84 -34.28
N ALA A 536 -16.65 6.64 -33.18
CA ALA A 536 -17.43 5.43 -33.00
C ALA A 536 -18.56 5.20 -34.00
N ILE A 537 -19.24 6.26 -34.48
CA ILE A 537 -20.27 6.17 -35.56
C ILE A 537 -19.57 5.70 -36.86
N ALA A 538 -18.39 6.29 -37.13
CA ALA A 538 -17.60 6.05 -38.34
C ALA A 538 -17.13 4.67 -38.47
N ARG A 539 -16.73 4.07 -37.32
CA ARG A 539 -16.35 2.73 -37.05
C ARG A 539 -17.48 1.75 -37.26
N ALA A 540 -18.75 2.02 -36.78
CA ALA A 540 -19.83 1.09 -36.87
C ALA A 540 -20.26 1.11 -38.33
N LEU A 541 -19.99 2.21 -39.08
CA LEU A 541 -20.30 2.29 -40.47
C LEU A 541 -19.38 1.46 -41.26
N VAL A 542 -18.06 1.45 -40.92
CA VAL A 542 -17.05 0.62 -41.55
C VAL A 542 -17.30 -0.90 -41.42
N ARG A 543 -17.82 -1.37 -40.24
CA ARG A 543 -18.16 -2.74 -39.99
C ARG A 543 -19.21 -3.27 -40.84
N ASN A 544 -20.05 -2.46 -41.49
CA ASN A 544 -21.15 -2.89 -42.41
C ASN A 544 -22.17 -3.92 -41.87
N PRO A 545 -22.77 -3.64 -40.71
CA PRO A 545 -23.50 -4.69 -39.99
C PRO A 545 -24.97 -4.70 -40.52
N LYS A 546 -25.87 -5.70 -40.15
CA LYS A 546 -27.26 -5.78 -40.62
C LYS A 546 -28.08 -5.43 -39.41
N ILE A 547 -27.54 -5.31 -38.21
CA ILE A 547 -28.23 -4.92 -37.06
C ILE A 547 -27.36 -3.81 -36.60
N LEU A 548 -27.95 -2.69 -36.22
CA LEU A 548 -27.24 -1.52 -35.68
C LEU A 548 -27.94 -1.17 -34.41
N LEU A 549 -27.17 -1.15 -33.29
CA LEU A 549 -27.69 -1.03 -31.97
C LEU A 549 -27.10 0.28 -31.64
N LEU A 550 -27.90 1.32 -31.45
CA LEU A 550 -27.48 2.75 -31.08
C LEU A 550 -27.97 3.05 -29.63
N ASP A 551 -26.92 3.10 -28.75
CA ASP A 551 -27.05 3.32 -27.36
C ASP A 551 -26.52 4.67 -27.04
N GLU A 552 -27.38 5.68 -26.72
CA GLU A 552 -27.16 7.12 -26.40
C GLU A 552 -26.21 7.73 -27.37
N ALA A 553 -26.48 7.46 -28.65
CA ALA A 553 -25.73 7.86 -29.79
C ALA A 553 -26.31 9.15 -30.37
N THR A 554 -27.12 9.96 -29.62
CA THR A 554 -27.70 11.14 -30.06
C THR A 554 -27.98 11.96 -28.76
N SER A 555 -27.88 11.32 -27.56
CA SER A 555 -28.09 11.84 -26.23
C SER A 555 -26.65 11.96 -25.58
N ALA A 556 -26.49 12.95 -24.72
CA ALA A 556 -25.29 13.41 -24.02
C ALA A 556 -24.35 14.29 -24.90
N LEU A 557 -24.93 15.06 -25.89
CA LEU A 557 -24.28 15.93 -26.82
C LEU A 557 -24.92 17.30 -26.68
N ASP A 558 -24.31 18.35 -27.28
CA ASP A 558 -24.88 19.69 -27.19
C ASP A 558 -25.81 19.82 -28.33
N THR A 559 -26.59 20.91 -28.27
CA THR A 559 -27.67 21.27 -29.22
C THR A 559 -27.10 21.32 -30.62
N GLU A 560 -25.87 21.82 -30.83
CA GLU A 560 -25.23 21.97 -32.16
C GLU A 560 -24.88 20.63 -32.71
N SER A 561 -24.20 19.81 -31.88
CA SER A 561 -23.59 18.46 -32.35
C SER A 561 -24.63 17.43 -32.67
N GLU A 562 -25.81 17.62 -31.99
CA GLU A 562 -26.98 16.82 -32.03
C GLU A 562 -27.50 16.61 -33.41
N ALA A 563 -27.64 17.73 -34.15
CA ALA A 563 -28.01 17.74 -35.56
C ALA A 563 -27.06 17.01 -36.50
N VAL A 564 -25.74 17.19 -36.19
CA VAL A 564 -24.61 16.70 -36.93
C VAL A 564 -24.58 15.23 -36.86
N VAL A 565 -24.63 14.64 -35.65
CA VAL A 565 -24.71 13.21 -35.36
C VAL A 565 -25.97 12.58 -35.90
N GLN A 566 -27.21 13.24 -35.79
CA GLN A 566 -28.49 12.79 -36.31
C GLN A 566 -28.50 12.51 -37.78
N ALA A 567 -27.98 13.50 -38.59
CA ALA A 567 -27.89 13.42 -40.05
C ALA A 567 -27.00 12.26 -40.53
N ALA A 568 -25.82 12.13 -39.80
CA ALA A 568 -24.89 10.96 -39.94
C ALA A 568 -25.44 9.62 -39.59
N LEU A 569 -26.22 9.52 -38.48
CA LEU A 569 -26.98 8.39 -38.08
C LEU A 569 -28.04 8.03 -39.10
N ASP A 570 -28.80 9.02 -39.69
CA ASP A 570 -29.80 8.86 -40.76
C ASP A 570 -29.24 8.25 -41.99
N LYS A 571 -28.00 8.75 -42.40
CA LYS A 571 -27.28 8.23 -43.53
C LYS A 571 -26.73 6.80 -43.29
N ALA A 572 -26.64 6.44 -41.93
CA ALA A 572 -26.16 5.14 -41.64
C ALA A 572 -27.31 4.09 -41.57
N ARG A 573 -28.51 4.72 -41.52
CA ARG A 573 -29.79 3.95 -41.38
C ARG A 573 -30.53 4.00 -42.70
N GLU A 574 -31.50 3.04 -42.86
CA GLU A 574 -32.44 2.96 -43.94
C GLU A 574 -31.84 2.09 -45.01
N GLY A 575 -30.76 1.34 -44.64
CA GLY A 575 -30.25 0.29 -45.47
C GLY A 575 -30.11 -0.93 -44.63
N ARG A 576 -30.50 -0.86 -43.33
CA ARG A 576 -30.35 -1.91 -42.32
C ARG A 576 -31.39 -1.87 -41.29
N THR A 577 -31.58 -3.05 -40.55
CA THR A 577 -32.55 -3.01 -39.40
C THR A 577 -31.77 -2.46 -38.27
N THR A 578 -32.41 -1.62 -37.41
CA THR A 578 -31.73 -0.86 -36.38
C THR A 578 -32.65 -0.70 -35.20
N ILE A 579 -32.01 -0.36 -34.01
CA ILE A 579 -32.74 -0.19 -32.76
C ILE A 579 -32.01 1.04 -32.35
N VAL A 580 -32.83 2.10 -32.04
CA VAL A 580 -32.32 3.35 -31.58
C VAL A 580 -32.92 3.56 -30.24
N ILE A 581 -32.08 3.95 -29.28
CA ILE A 581 -32.33 4.18 -27.92
C ILE A 581 -32.01 5.62 -27.94
N ALA A 582 -32.96 6.52 -27.49
CA ALA A 582 -32.75 7.86 -27.29
C ALA A 582 -33.77 8.30 -26.29
N HIS A 583 -33.34 9.26 -25.43
CA HIS A 583 -33.99 9.90 -24.33
C HIS A 583 -34.61 11.21 -24.87
N ARG A 584 -34.14 11.59 -26.10
CA ARG A 584 -34.57 12.70 -26.81
C ARG A 584 -35.75 12.28 -27.69
N LEU A 585 -36.94 12.84 -27.38
CA LEU A 585 -38.20 12.47 -27.97
C LEU A 585 -38.47 13.10 -29.32
N SER A 586 -37.73 14.17 -29.61
CA SER A 586 -37.71 14.84 -30.90
C SER A 586 -37.18 13.92 -31.99
N THR A 587 -36.22 12.98 -31.67
CA THR A 587 -35.72 12.03 -32.66
C THR A 587 -36.51 10.72 -32.75
N VAL A 588 -37.34 10.44 -31.67
CA VAL A 588 -38.12 9.17 -31.57
C VAL A 588 -39.46 9.50 -32.23
N ARG A 589 -39.66 10.77 -32.70
CA ARG A 589 -40.83 11.17 -33.45
C ARG A 589 -40.93 10.51 -34.76
N ASN A 590 -39.80 10.37 -35.40
CA ASN A 590 -39.59 9.89 -36.72
C ASN A 590 -39.15 8.46 -36.79
N ALA A 591 -39.20 7.75 -35.62
CA ALA A 591 -39.04 6.30 -35.65
C ALA A 591 -40.23 5.50 -36.17
N ASP A 592 -39.89 4.37 -36.84
CA ASP A 592 -40.93 3.54 -37.41
C ASP A 592 -41.85 2.94 -36.40
N VAL A 593 -41.31 2.48 -35.22
CA VAL A 593 -42.11 1.83 -34.14
C VAL A 593 -41.51 2.31 -32.84
N ILE A 594 -42.34 2.61 -31.80
CA ILE A 594 -42.04 3.04 -30.47
C ILE A 594 -42.66 1.86 -29.70
N ALA A 595 -41.90 1.50 -28.70
CA ALA A 595 -42.34 0.44 -27.78
C ALA A 595 -42.11 0.97 -26.37
N GLY A 596 -43.17 1.03 -25.55
CA GLY A 596 -43.19 1.56 -24.21
C GLY A 596 -42.79 0.57 -23.20
N PHE A 597 -42.19 1.02 -22.05
CA PHE A 597 -41.79 0.24 -20.94
C PHE A 597 -41.92 1.11 -19.75
N ASP A 598 -42.42 0.53 -18.68
CA ASP A 598 -42.74 1.11 -17.40
C ASP A 598 -42.01 0.33 -16.29
N GLY A 599 -41.45 -0.85 -16.67
CA GLY A 599 -40.58 -1.53 -15.77
C GLY A 599 -39.92 -2.73 -16.28
N GLY A 600 -40.25 -3.08 -17.52
CA GLY A 600 -39.63 -4.27 -18.07
C GLY A 600 -40.59 -4.97 -18.92
N VAL A 601 -41.84 -4.57 -18.81
CA VAL A 601 -43.03 -5.16 -19.41
C VAL A 601 -43.42 -4.18 -20.46
N ILE A 602 -43.47 -4.74 -21.67
CA ILE A 602 -43.76 -4.07 -22.94
C ILE A 602 -45.25 -3.68 -22.90
N VAL A 603 -45.51 -2.35 -22.86
CA VAL A 603 -46.81 -1.79 -22.58
C VAL A 603 -47.40 -1.28 -23.81
N GLU A 604 -46.65 -0.47 -24.59
CA GLU A 604 -47.23 0.13 -25.79
C GLU A 604 -46.55 -0.50 -26.98
N GLN A 605 -47.26 -0.60 -28.09
CA GLN A 605 -46.63 -0.98 -29.35
C GLN A 605 -47.49 -0.21 -30.45
N GLY A 606 -46.81 0.29 -31.48
CA GLY A 606 -47.39 1.01 -32.62
C GLY A 606 -46.29 1.98 -32.92
N ASN A 607 -46.58 2.91 -33.89
CA ASN A 607 -45.74 4.01 -34.26
C ASN A 607 -46.11 5.31 -33.52
N HIS A 608 -45.61 6.51 -34.06
CA HIS A 608 -45.80 7.76 -33.34
C HIS A 608 -47.21 8.04 -33.09
N ASP A 609 -48.08 7.99 -34.14
CA ASP A 609 -49.44 8.24 -34.08
C ASP A 609 -50.25 7.31 -33.16
N GLU A 610 -50.01 6.00 -33.26
CA GLU A 610 -50.73 4.98 -32.50
C GLU A 610 -50.48 5.20 -31.05
N LEU A 611 -49.23 5.59 -30.64
CA LEU A 611 -48.93 5.83 -29.23
C LEU A 611 -49.59 7.00 -28.61
N MET A 612 -49.43 8.18 -29.29
CA MET A 612 -49.91 9.41 -28.90
C MET A 612 -51.41 9.44 -28.82
N ARG A 613 -52.07 8.75 -29.81
CA ARG A 613 -53.52 8.70 -29.79
C ARG A 613 -54.21 8.02 -28.57
N GLU A 614 -53.59 6.90 -28.12
CA GLU A 614 -54.09 6.15 -26.99
C GLU A 614 -53.70 6.77 -25.65
N LYS A 615 -52.65 7.62 -25.61
CA LYS A 615 -52.07 8.15 -24.51
C LYS A 615 -51.26 7.20 -23.74
N GLY A 616 -50.17 6.67 -24.29
CA GLY A 616 -49.42 5.64 -23.61
C GLY A 616 -48.34 6.14 -22.64
N ILE A 617 -47.31 5.35 -22.41
CA ILE A 617 -46.15 5.71 -21.73
C ILE A 617 -45.42 6.87 -22.39
N TYR A 618 -45.34 6.74 -23.75
CA TYR A 618 -44.66 7.75 -24.57
C TYR A 618 -45.32 9.11 -24.37
N PHE A 619 -46.68 9.18 -24.44
CA PHE A 619 -47.45 10.41 -24.34
C PHE A 619 -47.20 11.02 -22.98
N LYS A 620 -46.96 10.13 -21.89
CA LYS A 620 -46.63 10.49 -20.52
C LYS A 620 -45.34 11.26 -20.39
N LEU A 621 -44.26 10.81 -21.12
CA LEU A 621 -42.94 11.38 -21.10
C LEU A 621 -42.92 12.70 -21.84
N VAL A 622 -43.74 12.81 -22.93
CA VAL A 622 -43.86 14.02 -23.66
C VAL A 622 -44.29 15.09 -22.77
N MET A 623 -45.35 14.86 -22.05
CA MET A 623 -45.91 15.76 -21.12
C MET A 623 -44.97 16.12 -19.91
N THR A 624 -44.14 15.09 -19.40
CA THR A 624 -43.22 15.41 -18.29
C THR A 624 -42.15 16.36 -18.67
N GLN A 625 -41.59 16.21 -19.89
CA GLN A 625 -40.53 17.08 -20.42
C GLN A 625 -41.01 18.20 -21.16
N THR A 626 -42.36 18.44 -21.28
CA THR A 626 -43.02 19.55 -21.95
C THR A 626 -43.31 19.07 -23.38
N LEU A 684 3.60 12.77 -3.87
CA LEU A 684 2.24 13.01 -3.23
C LEU A 684 2.46 14.02 -2.19
N ASP A 685 1.59 14.07 -1.11
CA ASP A 685 1.64 14.98 -0.05
C ASP A 685 2.35 14.28 1.00
N GLU A 686 3.04 13.16 0.70
CA GLU A 686 3.72 12.26 1.55
C GLU A 686 5.10 12.10 1.02
N ASP A 687 5.36 12.79 -0.15
CA ASP A 687 6.74 12.82 -0.66
C ASP A 687 6.93 14.27 -0.43
N VAL A 688 7.84 14.62 0.53
CA VAL A 688 8.33 15.97 0.76
C VAL A 688 9.57 16.04 -0.11
N PRO A 689 9.82 17.02 -1.00
CA PRO A 689 10.97 17.02 -1.81
C PRO A 689 12.35 17.22 -1.11
N PRO A 690 12.71 18.12 -0.13
CA PRO A 690 14.13 18.33 0.12
C PRO A 690 14.58 17.23 1.11
N ALA A 691 15.67 16.48 0.83
CA ALA A 691 16.06 15.33 1.63
C ALA A 691 16.96 15.83 2.68
N SER A 692 16.74 15.30 3.91
CA SER A 692 17.50 15.52 5.12
C SER A 692 18.98 15.24 5.06
N PHE A 693 19.67 15.96 5.95
CA PHE A 693 21.12 15.90 6.03
C PHE A 693 21.43 15.71 7.47
N TRP A 694 20.91 14.57 8.03
CA TRP A 694 21.30 14.12 9.35
C TRP A 694 20.64 14.85 10.43
N ARG A 695 19.44 15.36 10.06
CA ARG A 695 18.50 16.11 10.80
C ARG A 695 17.87 15.16 11.83
N ILE A 696 18.04 13.81 11.55
CA ILE A 696 17.56 12.78 12.42
C ILE A 696 18.15 13.02 13.81
N LEU A 697 19.48 12.83 13.97
CA LEU A 697 20.33 12.92 15.04
C LEU A 697 20.38 14.36 15.57
N LYS A 698 20.09 15.40 14.67
CA LYS A 698 19.97 16.77 15.07
C LYS A 698 18.80 16.96 16.05
N LEU A 699 17.59 16.51 15.57
CA LEU A 699 16.45 16.56 16.46
C LEU A 699 16.45 15.58 17.66
N ASN A 700 17.05 14.39 17.47
CA ASN A 700 17.17 13.43 18.52
C ASN A 700 18.00 13.99 19.63
N SER A 701 19.17 14.53 19.26
CA SER A 701 20.13 15.17 20.10
C SER A 701 19.58 16.37 20.92
N THR A 702 18.61 17.15 20.37
CA THR A 702 17.90 18.16 21.19
C THR A 702 17.10 17.71 22.38
N GLU A 703 16.36 16.60 22.25
CA GLU A 703 15.51 15.95 23.22
C GLU A 703 16.27 14.84 23.94
N TRP A 704 17.59 14.63 23.59
CA TRP A 704 18.51 13.74 24.23
C TRP A 704 18.82 14.36 25.55
N PRO A 705 18.75 13.54 26.70
CA PRO A 705 19.12 14.00 28.03
C PRO A 705 20.41 13.35 28.54
N TYR A 706 20.72 12.04 28.34
CA TYR A 706 21.85 11.32 28.84
C TYR A 706 21.90 10.01 28.14
N PHE A 707 23.00 9.18 28.42
CA PHE A 707 23.26 7.83 27.93
C PHE A 707 24.40 7.72 26.94
N VAL A 708 25.61 7.78 27.52
CA VAL A 708 26.90 7.70 26.83
C VAL A 708 27.40 6.31 27.03
N VAL A 709 26.75 5.51 27.93
CA VAL A 709 27.16 4.17 28.43
C VAL A 709 26.71 3.09 27.41
N GLY A 710 25.54 3.41 26.62
CA GLY A 710 25.10 2.47 25.67
C GLY A 710 26.06 2.25 24.59
N ILE A 711 26.52 3.30 24.00
CA ILE A 711 27.47 3.25 22.87
C ILE A 711 28.76 2.76 23.31
N PHE A 712 29.26 3.08 24.52
CA PHE A 712 30.49 2.60 25.12
C PHE A 712 30.42 1.13 25.40
N CYS A 713 29.19 0.70 25.81
CA CYS A 713 28.92 -0.70 26.06
C CYS A 713 28.89 -1.53 24.82
N ALA A 714 28.55 -0.92 23.67
CA ALA A 714 28.51 -1.58 22.32
C ALA A 714 29.87 -1.82 21.75
N ILE A 715 30.81 -0.94 22.13
CA ILE A 715 32.20 -0.89 21.70
C ILE A 715 32.89 -2.06 22.34
N ILE A 716 32.74 -2.23 23.70
CA ILE A 716 33.33 -3.33 24.45
C ILE A 716 32.66 -4.62 24.06
N ASN A 717 31.37 -4.61 23.70
CA ASN A 717 30.60 -5.84 23.41
C ASN A 717 30.97 -6.35 22.00
N GLY A 718 31.44 -5.32 21.13
CA GLY A 718 32.02 -5.48 19.88
C GLY A 718 33.38 -6.13 20.03
N GLY A 719 34.31 -5.61 20.89
CA GLY A 719 35.63 -6.32 21.08
C GLY A 719 35.55 -7.60 21.84
N LEU A 720 34.42 -7.86 22.45
CA LEU A 720 34.24 -9.03 23.26
C LEU A 720 34.18 -10.29 22.44
N GLN A 721 33.55 -10.22 21.18
CA GLN A 721 33.50 -11.25 20.16
C GLN A 721 34.78 -11.88 19.78
N PRO A 722 35.94 -11.18 19.48
CA PRO A 722 37.19 -11.85 19.27
C PRO A 722 37.80 -12.65 20.43
N ALA A 723 37.51 -12.32 21.73
CA ALA A 723 37.98 -13.05 22.84
C ALA A 723 37.66 -14.54 22.78
N PHE A 724 36.41 -14.86 22.33
CA PHE A 724 36.12 -16.28 21.99
C PHE A 724 37.07 -16.86 20.93
N SER A 725 37.33 -16.20 19.83
CA SER A 725 38.10 -16.78 18.72
C SER A 725 39.53 -17.04 19.07
N VAL A 726 40.14 -16.22 19.96
CA VAL A 726 41.48 -16.27 20.40
C VAL A 726 41.48 -17.44 21.39
N ILE A 727 40.49 -17.55 22.26
CA ILE A 727 40.36 -18.57 23.25
C ILE A 727 40.36 -19.93 22.53
N PHE A 728 39.54 -20.12 21.44
CA PHE A 728 39.46 -21.34 20.57
C PHE A 728 40.82 -21.60 20.03
N SER A 729 41.63 -20.53 19.58
CA SER A 729 43.05 -20.77 19.16
C SER A 729 43.86 -21.37 20.23
N LYS A 730 43.64 -21.02 21.51
CA LYS A 730 44.39 -21.36 22.67
C LYS A 730 44.08 -22.81 23.03
N VAL A 731 42.82 -23.22 22.78
CA VAL A 731 42.34 -24.56 22.94
C VAL A 731 43.08 -25.54 22.17
N VAL A 732 43.00 -25.46 20.81
CA VAL A 732 43.58 -26.21 19.73
C VAL A 732 45.11 -25.96 19.78
N GLY A 733 45.48 -24.80 20.44
CA GLY A 733 46.80 -24.48 20.70
C GLY A 733 47.60 -25.31 21.55
N VAL A 734 47.03 -25.57 22.67
CA VAL A 734 47.68 -26.48 23.66
C VAL A 734 47.60 -27.98 23.32
N PHE A 735 46.63 -28.34 22.46
CA PHE A 735 46.57 -29.57 21.72
C PHE A 735 47.58 -29.72 20.53
N THR A 736 47.89 -28.72 19.67
CA THR A 736 48.85 -28.81 18.61
C THR A 736 50.25 -28.83 19.10
N ASN A 737 50.78 -27.82 19.74
CA ASN A 737 52.10 -27.72 20.18
C ASN A 737 52.09 -27.88 21.70
N GLY A 738 53.24 -28.39 22.27
CA GLY A 738 53.38 -28.71 23.72
C GLY A 738 53.14 -30.18 23.73
N GLY A 739 53.81 -30.75 24.80
CA GLY A 739 53.87 -32.23 25.02
C GLY A 739 52.50 -32.62 25.69
N PRO A 740 52.35 -33.90 26.16
CA PRO A 740 51.25 -34.37 26.98
C PRO A 740 51.08 -33.82 28.46
N PRO A 741 52.10 -33.57 29.29
CA PRO A 741 51.90 -33.07 30.65
C PRO A 741 51.08 -31.76 30.76
N GLU A 742 49.89 -31.58 31.38
CA GLU A 742 49.20 -30.38 31.71
C GLU A 742 48.46 -29.80 30.48
N THR A 743 48.33 -30.56 29.42
CA THR A 743 47.45 -30.21 28.25
C THR A 743 46.00 -30.05 28.62
N GLN A 744 45.58 -31.03 29.50
CA GLN A 744 44.30 -31.18 30.07
C GLN A 744 44.04 -29.97 31.00
N ARG A 745 45.09 -29.61 31.86
CA ARG A 745 44.89 -28.63 32.92
C ARG A 745 44.48 -27.24 32.34
N GLN A 746 45.28 -26.81 31.32
CA GLN A 746 45.11 -25.59 30.55
C GLN A 746 43.72 -25.54 29.94
N ASN A 747 43.22 -26.62 29.26
CA ASN A 747 41.87 -26.71 28.76
C ASN A 747 40.75 -26.53 29.82
N SER A 748 41.01 -27.17 31.05
CA SER A 748 39.99 -27.00 32.12
C SER A 748 39.86 -25.57 32.57
N ASN A 749 41.02 -24.93 32.72
CA ASN A 749 41.16 -23.52 33.11
C ASN A 749 40.55 -22.56 32.07
N LEU A 750 40.69 -22.86 30.78
CA LEU A 750 40.24 -22.03 29.66
C LEU A 750 38.73 -22.13 29.45
N PHE A 751 38.16 -23.34 29.74
CA PHE A 751 36.75 -23.66 29.79
C PHE A 751 36.01 -22.79 30.73
N SER A 752 36.43 -22.69 31.99
CA SER A 752 35.87 -21.83 32.96
C SER A 752 35.97 -20.32 32.69
N LEU A 753 37.13 -19.91 32.16
CA LEU A 753 37.49 -18.59 31.77
C LEU A 753 36.60 -18.14 30.70
N LEU A 754 36.22 -19.08 29.73
CA LEU A 754 35.37 -18.88 28.53
C LEU A 754 33.94 -18.54 28.93
N PHE A 755 33.54 -19.01 30.14
CA PHE A 755 32.21 -18.87 30.68
C PHE A 755 32.09 -17.47 31.25
N LEU A 756 32.96 -17.22 32.25
CA LEU A 756 32.91 -16.01 33.00
C LEU A 756 33.17 -14.70 32.18
N ILE A 757 34.12 -14.72 31.20
CA ILE A 757 34.47 -13.75 30.30
C ILE A 757 33.43 -13.46 29.28
N LEU A 758 32.68 -14.54 28.77
CA LEU A 758 31.76 -14.35 27.71
C LEU A 758 30.38 -14.21 28.16
N GLY A 759 29.72 -15.33 28.57
CA GLY A 759 28.26 -15.50 28.86
C GLY A 759 27.73 -14.52 29.77
N ILE A 760 28.46 -14.29 30.86
CA ILE A 760 28.08 -13.35 31.91
C ILE A 760 28.22 -11.90 31.52
N ILE A 761 29.37 -11.44 30.91
CA ILE A 761 29.64 -10.05 30.57
C ILE A 761 28.80 -9.63 29.42
N SER A 762 28.65 -10.50 28.30
CA SER A 762 27.93 -10.26 27.11
C SER A 762 26.45 -9.98 27.48
N PHE A 763 25.88 -10.77 28.45
CA PHE A 763 24.51 -10.45 28.81
C PHE A 763 24.28 -9.07 29.35
N ILE A 764 25.21 -8.62 30.28
CA ILE A 764 25.20 -7.40 31.00
C ILE A 764 25.33 -6.23 30.05
N THR A 765 26.43 -6.20 29.31
CA THR A 765 26.80 -5.13 28.46
C THR A 765 25.78 -4.97 27.29
N PHE A 766 25.23 -6.13 26.76
CA PHE A 766 24.15 -6.14 25.80
C PHE A 766 22.84 -5.55 26.31
N PHE A 767 22.47 -5.83 27.61
CA PHE A 767 21.31 -5.25 28.22
C PHE A 767 21.38 -3.78 28.50
N LEU A 768 22.68 -3.28 28.74
CA LEU A 768 23.07 -1.82 28.93
C LEU A 768 22.83 -1.02 27.68
N GLN A 769 23.23 -1.54 26.50
CA GLN A 769 22.88 -0.97 25.16
C GLN A 769 21.41 -0.99 24.82
N GLY A 770 20.78 -2.12 25.19
CA GLY A 770 19.37 -2.42 25.18
C GLY A 770 18.53 -1.43 26.05
N PHE A 771 19.09 -0.97 27.20
CA PHE A 771 18.40 0.03 28.04
C PHE A 771 18.48 1.38 27.43
N THR A 772 19.49 1.63 26.64
CA THR A 772 19.84 2.96 26.10
C THR A 772 18.92 3.24 24.91
N PHE A 773 18.99 2.48 23.77
CA PHE A 773 18.13 2.66 22.63
C PHE A 773 16.64 2.32 22.93
N GLY A 774 16.51 1.54 24.02
CA GLY A 774 15.19 1.27 24.51
C GLY A 774 14.55 2.48 25.05
N LYS A 775 15.21 3.18 25.95
CA LYS A 775 14.66 4.39 26.49
C LYS A 775 14.70 5.43 25.45
N ALA A 776 15.61 5.46 24.46
CA ALA A 776 15.69 6.48 23.45
C ALA A 776 14.43 6.53 22.65
N GLY A 777 13.97 5.36 22.08
CA GLY A 777 12.74 5.19 21.30
C GLY A 777 11.51 5.41 22.08
N GLU A 778 11.53 5.11 23.40
CA GLU A 778 10.46 5.30 24.28
C GLU A 778 10.13 6.76 24.40
N ILE A 779 11.20 7.68 24.73
CA ILE A 779 10.94 9.04 24.97
C ILE A 779 10.63 9.77 23.65
N LEU A 780 11.15 9.34 22.47
CA LEU A 780 10.79 9.71 21.11
C LEU A 780 9.43 9.40 20.72
N THR A 781 8.97 8.22 21.20
CA THR A 781 7.57 7.77 20.97
C THR A 781 6.51 8.67 21.62
N LYS A 782 6.83 9.32 22.79
CA LYS A 782 6.04 10.19 23.43
C LYS A 782 6.11 11.58 22.79
N ARG A 783 7.25 12.18 22.97
CA ARG A 783 7.58 13.47 22.65
C ARG A 783 7.26 13.81 21.24
N LEU A 784 7.52 12.92 20.26
CA LEU A 784 7.14 13.15 18.86
C LEU A 784 5.64 13.25 18.68
N ARG A 785 4.85 12.21 19.10
CA ARG A 785 3.48 12.25 19.02
C ARG A 785 2.83 13.33 19.76
N TYR A 786 3.41 13.76 20.86
CA TYR A 786 3.12 14.91 21.67
C TYR A 786 3.28 16.18 20.80
N MET A 787 4.53 16.41 20.25
CA MET A 787 4.97 17.53 19.49
C MET A 787 4.31 17.56 18.13
N VAL A 788 3.65 16.51 17.58
CA VAL A 788 2.93 16.65 16.37
C VAL A 788 1.48 17.08 16.73
N PHE A 789 0.82 16.21 17.53
CA PHE A 789 -0.58 16.39 17.88
C PHE A 789 -0.97 17.72 18.52
N LYS A 790 -0.05 18.37 19.35
CA LYS A 790 -0.35 19.61 20.04
C LYS A 790 -0.25 20.73 19.05
N SER A 791 0.75 20.67 18.10
CA SER A 791 0.96 21.50 17.00
C SER A 791 -0.13 21.46 15.99
N MET A 792 -0.89 20.32 15.90
CA MET A 792 -2.01 20.04 14.92
C MET A 792 -3.26 20.80 15.33
N LEU A 793 -3.45 20.88 16.67
CA LEU A 793 -4.65 21.55 17.17
C LEU A 793 -4.46 23.07 17.05
N ARG A 794 -3.20 23.46 16.95
CA ARG A 794 -2.74 24.80 16.67
C ARG A 794 -2.60 25.16 15.27
N GLN A 795 -2.99 24.25 14.28
CA GLN A 795 -2.97 24.55 12.91
C GLN A 795 -4.32 24.24 12.40
N ASP A 796 -4.60 24.97 11.29
CA ASP A 796 -5.74 24.85 10.56
C ASP A 796 -5.33 25.36 9.20
N VAL A 797 -6.20 25.14 8.17
CA VAL A 797 -6.17 25.96 6.93
C VAL A 797 -5.37 25.26 5.83
N SER A 798 -6.12 24.59 4.90
CA SER A 798 -5.60 23.84 3.76
C SER A 798 -4.98 22.56 4.30
N TRP A 799 -5.47 22.05 5.43
CA TRP A 799 -5.28 20.71 5.87
C TRP A 799 -6.35 20.31 6.90
N PHE A 800 -7.19 21.24 7.38
CA PHE A 800 -8.24 21.06 8.21
C PHE A 800 -9.40 21.90 7.73
N ASP A 801 -9.12 22.80 6.77
CA ASP A 801 -10.07 23.56 5.98
C ASP A 801 -9.93 23.11 4.57
N ASP A 802 -9.26 21.96 4.33
CA ASP A 802 -9.18 21.13 3.07
C ASP A 802 -8.10 20.05 3.35
N PRO A 803 -8.29 18.89 4.00
CA PRO A 803 -7.32 17.86 4.21
C PRO A 803 -6.83 17.27 2.91
N LYS A 804 -5.50 17.08 2.63
CA LYS A 804 -5.12 16.41 1.36
C LYS A 804 -4.59 15.01 1.73
N ASN A 805 -4.65 14.72 3.04
CA ASN A 805 -4.40 13.38 3.50
C ASN A 805 -5.44 13.10 4.63
N THR A 806 -6.33 12.10 4.35
CA THR A 806 -7.39 11.69 5.17
C THR A 806 -6.91 11.39 6.68
N THR A 807 -7.80 11.52 7.70
CA THR A 807 -7.61 11.47 9.11
C THR A 807 -6.88 10.25 9.54
N GLY A 808 -7.26 9.13 9.03
CA GLY A 808 -6.77 7.86 9.24
C GLY A 808 -5.30 7.74 8.74
N ALA A 809 -4.93 8.35 7.55
CA ALA A 809 -3.59 8.48 7.06
C ALA A 809 -2.74 9.29 7.90
N LEU A 810 -3.25 10.33 8.65
CA LEU A 810 -2.51 11.15 9.60
C LEU A 810 -2.17 10.38 10.86
N THR A 811 -3.13 9.64 11.40
CA THR A 811 -2.96 8.77 12.56
C THR A 811 -1.90 7.69 12.24
N THR A 812 -1.99 7.14 10.98
CA THR A 812 -1.07 6.18 10.48
C THR A 812 0.33 6.75 10.46
N ARG A 813 0.51 8.02 10.03
CA ARG A 813 1.76 8.62 9.99
C ARG A 813 2.37 8.68 11.36
N LEU A 814 1.65 9.09 12.50
CA LEU A 814 2.10 9.18 13.85
C LEU A 814 2.56 7.79 14.35
N ALA A 815 1.91 6.77 13.86
CA ALA A 815 2.12 5.38 14.33
C ALA A 815 3.53 4.95 13.87
N ASN A 816 3.62 4.86 12.56
CA ASN A 816 4.65 4.36 11.75
C ASN A 816 5.97 5.08 11.99
N ASP A 817 5.83 6.43 12.05
CA ASP A 817 6.96 7.36 12.25
C ASP A 817 7.70 7.08 13.62
N ALA A 818 6.95 7.13 14.69
CA ALA A 818 7.41 7.10 16.07
C ALA A 818 8.00 5.67 16.30
N ALA A 819 7.40 4.63 15.68
CA ALA A 819 7.90 3.28 15.68
C ALA A 819 9.22 3.20 14.93
N GLN A 820 9.35 3.90 13.84
CA GLN A 820 10.49 3.81 12.91
C GLN A 820 11.77 4.36 13.54
N VAL A 821 11.60 5.53 14.19
CA VAL A 821 12.71 6.12 15.03
C VAL A 821 13.15 5.37 16.22
N LYS A 822 12.17 4.57 16.74
CA LYS A 822 12.42 3.62 17.81
C LYS A 822 13.46 2.60 17.35
N GLY A 823 13.38 2.08 16.09
CA GLY A 823 14.35 1.17 15.52
C GLY A 823 15.59 1.86 15.06
N ALA A 824 15.52 3.14 14.62
CA ALA A 824 16.58 3.99 14.18
C ALA A 824 17.65 4.24 15.27
N THR A 825 17.25 4.48 16.53
CA THR A 825 18.22 4.73 17.52
C THR A 825 19.07 3.52 17.79
N GLY A 826 18.44 2.28 17.71
CA GLY A 826 18.98 1.02 17.88
C GLY A 826 20.00 0.71 16.80
N SER A 827 19.81 1.26 15.56
CA SER A 827 20.68 1.06 14.39
C SER A 827 21.93 1.81 14.46
N ARG A 828 21.91 2.99 15.24
CA ARG A 828 23.14 3.79 15.44
C ARG A 828 24.17 2.93 16.17
N LEU A 829 23.76 2.41 17.34
CA LEU A 829 24.61 1.63 18.24
C LEU A 829 24.97 0.33 17.56
N ALA A 830 24.06 -0.19 16.75
CA ALA A 830 24.29 -1.38 15.95
C ALA A 830 25.46 -1.30 14.96
N VAL A 831 25.62 -0.12 14.25
CA VAL A 831 26.76 0.12 13.42
C VAL A 831 28.03 0.16 14.22
N ILE A 832 28.07 0.92 15.40
CA ILE A 832 29.28 1.02 16.28
C ILE A 832 29.66 -0.40 16.78
N PHE A 833 28.63 -1.24 17.04
CA PHE A 833 28.90 -2.58 17.46
C PHE A 833 29.70 -3.39 16.45
N GLN A 834 29.28 -3.34 15.20
CA GLN A 834 30.06 -4.07 14.22
C GLN A 834 31.31 -3.41 13.78
N ASN A 835 31.42 -2.15 13.92
CA ASN A 835 32.62 -1.49 13.56
C ASN A 835 33.88 -1.91 14.38
N ILE A 836 33.81 -1.84 15.76
CA ILE A 836 34.92 -2.24 16.67
C ILE A 836 35.07 -3.70 16.59
N ALA A 837 33.98 -4.43 16.39
CA ALA A 837 34.00 -5.88 16.20
C ALA A 837 34.85 -6.50 15.07
N ASN A 838 34.84 -5.82 13.91
CA ASN A 838 35.69 -6.21 12.77
C ASN A 838 36.99 -5.43 12.59
N LEU A 839 36.84 -4.18 12.15
CA LEU A 839 37.90 -3.28 11.85
C LEU A 839 38.81 -2.96 12.94
N GLY A 840 38.32 -2.60 14.21
CA GLY A 840 39.02 -2.16 15.39
C GLY A 840 39.91 -3.14 16.03
N THR A 841 39.29 -4.32 16.43
CA THR A 841 39.88 -5.38 17.21
C THR A 841 40.75 -6.17 16.29
N GLY A 842 40.33 -6.31 15.00
CA GLY A 842 41.08 -6.98 13.99
C GLY A 842 42.50 -6.36 13.80
N ILE A 843 42.53 -5.05 13.87
CA ILE A 843 43.79 -4.31 13.79
C ILE A 843 44.78 -4.69 14.85
N ILE A 844 44.36 -4.80 16.15
CA ILE A 844 45.09 -5.19 17.30
C ILE A 844 45.72 -6.58 17.02
N ILE A 845 44.81 -7.45 16.53
CA ILE A 845 45.18 -8.82 16.17
C ILE A 845 46.23 -8.86 15.13
N SER A 846 46.17 -7.94 14.13
CA SER A 846 47.11 -7.76 13.01
C SER A 846 48.53 -7.38 13.42
N LEU A 847 48.71 -6.69 14.55
CA LEU A 847 50.00 -6.21 15.01
C LEU A 847 50.92 -7.35 15.45
N ILE A 848 50.30 -8.49 15.91
CA ILE A 848 50.87 -9.70 16.33
C ILE A 848 50.99 -10.73 15.23
N TYR A 849 50.67 -10.30 13.91
CA TYR A 849 50.90 -11.08 12.70
C TYR A 849 52.34 -10.89 12.28
N GLY A 850 52.68 -11.59 11.23
CA GLY A 850 54.00 -11.83 10.68
C GLY A 850 54.48 -10.70 9.84
N TRP A 851 53.56 -9.69 9.60
CA TRP A 851 53.76 -8.37 8.95
C TRP A 851 53.48 -8.60 7.50
N GLN A 852 53.63 -9.86 7.01
CA GLN A 852 53.31 -10.24 5.65
C GLN A 852 51.89 -10.61 5.55
N LEU A 853 51.42 -11.31 6.56
CA LEU A 853 50.08 -11.78 6.68
C LEU A 853 49.06 -10.65 6.68
N THR A 854 49.52 -9.56 7.31
CA THR A 854 48.70 -8.34 7.31
C THR A 854 48.39 -7.84 5.94
N LEU A 855 49.51 -7.72 5.16
CA LEU A 855 49.54 -7.35 3.74
C LEU A 855 48.75 -8.27 2.81
N LEU A 856 48.98 -9.59 2.93
CA LEU A 856 48.24 -10.57 2.18
C LEU A 856 46.78 -10.64 2.43
N LEU A 857 46.47 -10.47 3.70
CA LEU A 857 45.11 -10.54 4.26
C LEU A 857 44.14 -9.54 3.78
N LEU A 858 44.62 -8.25 3.63
CA LEU A 858 43.85 -7.10 3.25
C LEU A 858 43.75 -7.01 1.79
N ALA A 859 44.31 -8.02 1.11
CA ALA A 859 44.13 -8.19 -0.25
C ALA A 859 42.98 -9.18 -0.50
N ILE A 860 42.43 -9.77 0.56
CA ILE A 860 41.21 -10.54 0.52
C ILE A 860 40.06 -9.78 1.06
N VAL A 861 40.09 -9.58 2.42
CA VAL A 861 39.00 -9.10 3.30
C VAL A 861 38.37 -7.86 2.81
N PRO A 862 39.01 -6.76 2.45
CA PRO A 862 38.33 -5.62 1.87
C PRO A 862 37.66 -5.88 0.54
N ILE A 863 38.29 -6.66 -0.32
CA ILE A 863 37.78 -7.09 -1.64
C ILE A 863 36.47 -7.86 -1.61
N ILE A 864 36.43 -8.91 -0.73
CA ILE A 864 35.20 -9.72 -0.61
C ILE A 864 34.05 -8.94 -0.03
N ALA A 865 34.29 -7.92 0.80
CA ALA A 865 33.32 -7.00 1.28
C ALA A 865 32.65 -6.14 0.31
N ILE A 866 33.50 -5.52 -0.55
CA ILE A 866 33.04 -4.72 -1.72
C ILE A 866 32.28 -5.59 -2.71
N ALA A 867 32.84 -6.79 -2.97
CA ALA A 867 32.28 -7.73 -3.94
C ALA A 867 30.82 -8.11 -3.55
N GLY A 868 30.40 -8.20 -2.24
CA GLY A 868 28.96 -8.49 -1.96
C GLY A 868 28.02 -7.35 -2.09
N VAL A 869 28.64 -6.18 -1.83
CA VAL A 869 27.95 -4.89 -1.99
C VAL A 869 27.74 -4.66 -3.41
N VAL A 870 28.76 -4.85 -4.31
CA VAL A 870 28.65 -4.64 -5.72
C VAL A 870 27.63 -5.69 -6.32
N GLU A 871 27.37 -6.83 -5.75
CA GLU A 871 26.25 -7.74 -6.07
C GLU A 871 24.94 -7.20 -5.80
N MET A 872 24.68 -6.49 -4.66
CA MET A 872 23.44 -5.77 -4.28
C MET A 872 23.06 -4.66 -5.21
N LYS A 873 24.14 -3.98 -5.66
CA LYS A 873 24.09 -2.90 -6.62
C LYS A 873 23.63 -3.45 -7.96
N MET A 874 24.25 -4.56 -8.42
CA MET A 874 23.90 -5.24 -9.66
C MET A 874 22.52 -5.84 -9.59
N LEU A 875 22.10 -6.40 -8.43
CA LEU A 875 20.74 -6.91 -8.20
C LEU A 875 19.67 -5.91 -8.46
N SER A 876 19.68 -4.73 -7.79
CA SER A 876 18.71 -3.70 -7.92
C SER A 876 18.74 -3.01 -9.30
N GLY A 877 19.91 -2.94 -9.92
CA GLY A 877 20.05 -2.35 -11.24
C GLY A 877 19.26 -3.00 -12.36
N GLN A 878 19.21 -4.37 -12.41
CA GLN A 878 18.49 -5.25 -13.32
C GLN A 878 17.00 -5.30 -12.97
N ALA A 879 16.69 -5.30 -11.65
CA ALA A 879 15.33 -5.21 -11.11
C ALA A 879 14.67 -3.96 -11.52
N LEU A 880 15.38 -2.80 -11.47
CA LEU A 880 14.76 -1.47 -11.77
C LEU A 880 14.30 -1.24 -13.20
N LYS A 881 15.19 -1.58 -14.12
CA LYS A 881 14.89 -1.71 -15.52
C LYS A 881 13.80 -2.74 -15.93
N ASP A 882 13.61 -3.92 -15.23
CA ASP A 882 12.61 -4.93 -15.38
C ASP A 882 11.27 -4.35 -15.07
N LYS A 883 11.11 -3.56 -13.95
CA LYS A 883 9.84 -3.01 -13.53
C LYS A 883 9.33 -2.05 -14.56
N LYS A 884 10.17 -1.27 -15.25
CA LYS A 884 9.70 -0.41 -16.29
C LYS A 884 9.05 -1.17 -17.49
N GLU A 885 9.73 -2.27 -17.86
CA GLU A 885 9.34 -2.98 -19.11
C GLU A 885 7.95 -3.54 -18.97
N LEU A 886 7.73 -4.27 -17.82
CA LEU A 886 6.48 -4.94 -17.42
C LEU A 886 5.28 -4.02 -17.13
N GLU A 887 5.64 -2.74 -16.78
CA GLU A 887 4.77 -1.61 -16.54
C GLU A 887 4.07 -1.34 -17.88
N GLY A 888 4.84 -1.13 -18.97
CA GLY A 888 4.25 -0.93 -20.32
C GLY A 888 3.38 -2.04 -20.90
N SER A 889 3.77 -3.35 -20.67
CA SER A 889 2.93 -4.47 -21.14
C SER A 889 1.68 -4.49 -20.31
N GLY A 890 1.72 -4.18 -19.02
CA GLY A 890 0.56 -4.06 -18.15
C GLY A 890 -0.42 -2.93 -18.28
N LYS A 891 0.17 -1.76 -18.71
CA LYS A 891 -0.52 -0.54 -19.09
C LYS A 891 -1.40 -0.74 -20.26
N ILE A 892 -0.91 -1.35 -21.37
CA ILE A 892 -1.72 -1.71 -22.52
C ILE A 892 -2.70 -2.81 -22.26
N ALA A 893 -2.40 -3.74 -21.30
CA ALA A 893 -3.38 -4.73 -20.87
C ALA A 893 -4.51 -4.17 -20.09
N THR A 894 -4.20 -3.35 -19.06
CA THR A 894 -5.17 -2.80 -18.15
C THR A 894 -6.13 -1.88 -18.76
N GLU A 895 -5.72 -1.09 -19.71
CA GLU A 895 -6.55 -0.20 -20.50
C GLU A 895 -7.66 -0.97 -21.24
N ALA A 896 -7.32 -2.17 -21.84
CA ALA A 896 -8.33 -3.04 -22.55
C ALA A 896 -9.34 -3.54 -21.54
N ILE A 897 -8.95 -4.16 -20.41
CA ILE A 897 -9.84 -4.87 -19.51
C ILE A 897 -10.85 -3.92 -18.73
N GLU A 898 -10.38 -2.68 -18.41
CA GLU A 898 -11.13 -1.66 -17.78
C GLU A 898 -12.16 -1.10 -18.76
N ASN A 899 -11.77 -1.15 -20.10
CA ASN A 899 -12.79 -0.78 -21.10
C ASN A 899 -13.64 -1.98 -21.33
N PHE A 900 -14.95 -1.89 -21.10
CA PHE A 900 -15.88 -2.94 -21.21
C PHE A 900 -16.24 -3.11 -22.69
N ARG A 901 -15.94 -2.08 -23.51
CA ARG A 901 -16.17 -1.97 -24.94
C ARG A 901 -15.17 -2.76 -25.72
N THR A 902 -14.09 -3.32 -25.11
CA THR A 902 -13.18 -4.30 -25.75
C THR A 902 -13.92 -5.56 -25.90
N VAL A 903 -14.89 -5.89 -25.04
CA VAL A 903 -15.65 -7.16 -25.09
C VAL A 903 -16.66 -7.12 -26.14
N VAL A 904 -17.10 -5.93 -26.62
CA VAL A 904 -18.07 -5.64 -27.61
C VAL A 904 -17.49 -6.06 -28.92
N SER A 905 -16.25 -5.69 -29.14
CA SER A 905 -15.44 -6.08 -30.28
C SER A 905 -14.93 -7.43 -29.92
N LEU A 906 -14.45 -8.10 -30.92
CA LEU A 906 -13.78 -9.35 -30.82
C LEU A 906 -12.72 -9.19 -31.89
N THR A 907 -12.99 -8.38 -32.93
CA THR A 907 -12.07 -8.15 -34.03
C THR A 907 -10.70 -7.56 -33.62
N ARG A 908 -10.69 -6.69 -32.55
CA ARG A 908 -9.37 -6.15 -32.17
C ARG A 908 -8.80 -6.92 -30.95
N GLU A 909 -9.51 -7.89 -30.38
CA GLU A 909 -9.04 -8.76 -29.27
C GLU A 909 -7.79 -9.55 -29.61
N GLN A 910 -7.77 -10.33 -30.72
CA GLN A 910 -6.65 -11.19 -31.04
C GLN A 910 -5.53 -10.34 -31.70
N LYS A 911 -5.90 -9.22 -32.34
CA LYS A 911 -4.93 -8.26 -32.81
C LYS A 911 -4.20 -7.70 -31.64
N PHE A 912 -4.92 -7.43 -30.52
CA PHE A 912 -4.37 -6.95 -29.30
C PHE A 912 -3.45 -7.95 -28.72
N GLU A 913 -3.82 -9.25 -28.80
CA GLU A 913 -3.03 -10.39 -28.27
C GLU A 913 -1.79 -10.74 -29.01
N THR A 914 -1.65 -10.31 -30.27
CA THR A 914 -0.44 -10.22 -31.05
C THR A 914 0.61 -9.25 -30.47
N MET A 915 0.17 -7.96 -30.20
CA MET A 915 0.91 -6.92 -29.60
C MET A 915 1.46 -7.19 -28.26
N TYR A 916 0.71 -7.90 -27.41
CA TYR A 916 1.06 -8.30 -26.09
C TYR A 916 2.14 -9.29 -26.16
N ALA A 917 2.04 -10.20 -27.16
CA ALA A 917 3.13 -11.14 -27.46
C ALA A 917 4.45 -10.53 -27.80
N GLN A 918 4.46 -9.56 -28.65
CA GLN A 918 5.61 -8.74 -29.12
C GLN A 918 6.22 -7.90 -28.04
N SER A 919 5.39 -7.40 -27.12
CA SER A 919 5.83 -6.70 -25.99
C SER A 919 6.44 -7.64 -25.02
N LEU A 920 5.89 -8.87 -24.76
CA LEU A 920 6.38 -9.80 -23.85
C LEU A 920 7.70 -10.46 -24.34
N GLN A 921 8.06 -10.38 -25.62
CA GLN A 921 9.31 -10.91 -26.08
C GLN A 921 10.51 -10.14 -25.53
N ILE A 922 10.37 -8.85 -25.26
CA ILE A 922 11.46 -8.02 -24.76
C ILE A 922 11.90 -8.42 -23.38
N PRO A 923 11.04 -8.73 -22.37
CA PRO A 923 11.43 -9.28 -21.11
C PRO A 923 11.99 -10.71 -21.27
N TYR A 924 11.57 -11.54 -22.25
CA TYR A 924 12.10 -12.86 -22.52
C TYR A 924 13.59 -12.69 -22.79
N ARG A 925 13.93 -11.77 -23.68
CA ARG A 925 15.35 -11.50 -23.95
C ARG A 925 16.08 -10.92 -22.80
N ASN A 926 15.46 -10.09 -21.92
CA ASN A 926 16.15 -9.58 -20.72
C ASN A 926 16.35 -10.56 -19.71
N ALA A 927 15.50 -11.55 -19.59
CA ALA A 927 15.61 -12.75 -18.75
C ALA A 927 16.78 -13.60 -19.19
N MET A 928 17.01 -13.83 -20.52
CA MET A 928 18.24 -14.55 -20.92
C MET A 928 19.53 -13.80 -20.67
N LYS A 929 19.60 -12.52 -20.79
CA LYS A 929 20.73 -11.67 -20.60
C LYS A 929 21.19 -11.63 -19.11
N LYS A 930 20.19 -11.47 -18.17
CA LYS A 930 20.39 -11.47 -16.76
C LYS A 930 20.55 -12.79 -16.19
N ALA A 931 20.31 -13.94 -16.90
CA ALA A 931 20.71 -15.27 -16.50
C ALA A 931 22.23 -15.39 -16.39
N HIS A 932 23.04 -14.92 -17.33
CA HIS A 932 24.46 -14.92 -17.29
C HIS A 932 24.96 -13.87 -16.25
N VAL A 933 24.32 -12.71 -16.05
CA VAL A 933 24.67 -11.61 -15.19
C VAL A 933 24.60 -12.08 -13.71
N PHE A 934 23.43 -12.63 -13.31
CA PHE A 934 23.14 -13.15 -11.99
C PHE A 934 24.04 -14.40 -11.80
N GLY A 935 24.22 -15.15 -12.87
CA GLY A 935 25.00 -16.38 -12.90
C GLY A 935 26.50 -16.13 -12.58
N ILE A 936 27.09 -15.17 -13.21
CA ILE A 936 28.52 -14.82 -13.04
C ILE A 936 28.82 -14.11 -11.75
N THR A 937 27.93 -13.35 -11.15
CA THR A 937 28.14 -12.66 -9.88
C THR A 937 28.26 -13.62 -8.74
N PHE A 938 27.30 -14.58 -8.65
CA PHE A 938 27.25 -15.58 -7.59
C PHE A 938 28.34 -16.57 -7.60
N SER A 939 28.72 -16.97 -8.87
CA SER A 939 29.85 -17.88 -9.13
C SER A 939 31.10 -17.27 -8.63
N PHE A 940 31.33 -15.94 -8.96
CA PHE A 940 32.51 -15.18 -8.48
C PHE A 940 32.59 -15.05 -6.99
N THR A 941 31.40 -14.85 -6.25
CA THR A 941 31.32 -14.90 -4.74
C THR A 941 31.78 -16.20 -4.16
N GLN A 942 31.35 -17.37 -4.74
CA GLN A 942 31.78 -18.69 -4.16
C GLN A 942 33.25 -19.06 -4.55
N ALA A 943 33.75 -18.38 -5.60
CA ALA A 943 35.12 -18.50 -6.06
C ALA A 943 36.03 -17.85 -5.14
N MET A 944 35.60 -16.79 -4.39
CA MET A 944 36.39 -16.12 -3.35
C MET A 944 36.35 -16.90 -2.03
N MET A 945 35.41 -17.80 -1.78
CA MET A 945 35.48 -18.53 -0.54
C MET A 945 36.70 -19.46 -0.52
N TYR A 946 36.86 -20.27 -1.62
CA TYR A 946 37.98 -21.21 -1.81
C TYR A 946 39.22 -20.54 -1.92
N PHE A 947 39.33 -19.40 -2.58
CA PHE A 947 40.49 -18.53 -2.82
C PHE A 947 40.99 -17.98 -1.49
N SER A 948 40.07 -17.84 -0.46
CA SER A 948 40.47 -17.42 0.87
C SER A 948 41.26 -18.47 1.50
N TYR A 949 40.68 -19.65 1.50
CA TYR A 949 41.22 -20.86 2.14
C TYR A 949 42.54 -21.21 1.50
N ALA A 950 42.64 -20.99 0.22
CA ALA A 950 43.71 -21.11 -0.73
C ALA A 950 44.93 -20.35 -0.34
N ALA A 951 44.92 -19.02 -0.35
CA ALA A 951 45.93 -18.12 0.07
C ALA A 951 46.36 -18.27 1.52
N CYS A 952 45.39 -18.67 2.32
CA CYS A 952 45.55 -19.04 3.69
C CYS A 952 46.45 -20.21 3.91
N PHE A 953 46.17 -21.34 3.26
CA PHE A 953 47.03 -22.48 3.48
C PHE A 953 48.34 -22.39 2.68
N ARG A 954 48.24 -21.76 1.48
CA ARG A 954 49.41 -21.52 0.67
C ARG A 954 50.50 -20.87 1.32
N PHE A 955 50.21 -19.65 1.78
CA PHE A 955 51.19 -18.78 2.47
C PHE A 955 51.55 -19.19 3.87
N GLY A 956 50.59 -19.96 4.41
CA GLY A 956 50.71 -20.51 5.77
C GLY A 956 51.83 -21.54 5.89
N ALA A 957 52.03 -22.33 4.72
CA ALA A 957 53.19 -23.18 4.48
C ALA A 957 54.31 -22.28 4.09
N TYR A 958 55.23 -22.84 3.25
CA TYR A 958 56.40 -22.12 2.67
C TYR A 958 57.28 -21.36 3.68
N LEU A 959 57.43 -20.04 3.46
CA LEU A 959 58.39 -19.16 4.23
C LEU A 959 58.10 -19.26 5.68
N VAL A 960 56.82 -19.26 6.09
CA VAL A 960 56.24 -19.38 7.45
C VAL A 960 56.48 -20.77 8.05
N THR A 961 56.31 -21.94 7.32
CA THR A 961 56.55 -23.24 7.88
C THR A 961 58.01 -23.42 8.24
N GLN A 962 58.94 -22.91 7.42
CA GLN A 962 60.39 -23.00 7.62
C GLN A 962 60.97 -22.50 8.87
N GLN A 963 60.55 -21.25 9.23
CA GLN A 963 60.83 -20.68 10.55
C GLN A 963 59.66 -19.86 10.80
N LEU A 964 59.29 -19.81 12.14
CA LEU A 964 58.25 -18.94 12.68
C LEU A 964 56.91 -19.50 12.34
N MET A 965 56.68 -20.74 12.75
CA MET A 965 55.46 -21.50 12.72
C MET A 965 54.84 -21.30 14.07
N THR A 966 53.49 -21.06 14.17
CA THR A 966 52.72 -20.71 15.32
C THR A 966 51.43 -21.38 15.11
N PHE A 967 50.83 -21.90 16.17
CA PHE A 967 49.51 -22.52 16.11
C PHE A 967 48.32 -21.58 15.73
N GLU A 968 48.44 -20.30 16.26
CA GLU A 968 47.43 -19.28 16.16
C GLU A 968 47.63 -18.55 14.85
N ASN A 969 46.66 -17.63 14.59
CA ASN A 969 46.55 -16.75 13.42
C ASN A 969 46.07 -17.47 12.19
N VAL A 970 45.90 -18.81 12.19
CA VAL A 970 45.28 -19.60 11.13
C VAL A 970 43.78 -19.61 11.31
N LEU A 971 43.30 -19.71 12.60
CA LEU A 971 41.91 -19.67 12.90
C LEU A 971 41.32 -18.26 12.90
N LEU A 972 42.18 -17.27 13.10
CA LEU A 972 41.73 -15.87 13.14
C LEU A 972 41.44 -15.41 11.74
N VAL A 973 42.09 -15.95 10.71
CA VAL A 973 41.81 -15.62 9.33
C VAL A 973 40.36 -15.99 9.03
N PHE A 974 39.91 -17.22 9.39
CA PHE A 974 38.50 -17.61 9.18
C PHE A 974 37.49 -16.81 9.89
N SER A 975 37.76 -16.31 11.07
CA SER A 975 36.94 -15.40 11.89
C SER A 975 36.80 -14.09 11.14
N ALA A 976 37.91 -13.58 10.57
CA ALA A 976 37.91 -12.31 9.84
C ALA A 976 37.00 -12.21 8.65
N ILE A 977 36.87 -13.33 7.98
CA ILE A 977 36.01 -13.64 6.80
C ILE A 977 34.61 -13.48 7.28
N VAL A 978 34.24 -14.14 8.45
CA VAL A 978 32.93 -14.09 9.09
C VAL A 978 32.60 -12.76 9.77
N PHE A 979 33.54 -11.96 10.09
CA PHE A 979 33.38 -10.62 10.63
C PHE A 979 33.01 -9.68 9.52
N GLY A 980 33.55 -9.92 8.32
CA GLY A 980 33.13 -9.09 7.17
C GLY A 980 31.71 -9.40 6.77
N ALA A 981 31.22 -10.58 7.16
CA ALA A 981 29.98 -11.07 6.83
C ALA A 981 28.87 -10.46 7.60
N MET A 982 29.17 -10.24 8.85
CA MET A 982 28.25 -9.58 9.77
C MET A 982 28.27 -8.08 9.70
N ALA A 983 29.38 -7.46 9.11
CA ALA A 983 29.55 -6.07 8.86
C ALA A 983 28.67 -5.77 7.67
N VAL A 984 28.95 -6.37 6.47
CA VAL A 984 28.26 -6.15 5.19
C VAL A 984 26.82 -6.35 5.37
N GLY A 985 26.37 -7.41 6.05
CA GLY A 985 24.98 -7.81 6.33
C GLY A 985 24.20 -6.75 7.06
N GLN A 986 24.80 -6.17 8.12
CA GLN A 986 24.15 -5.14 8.93
C GLN A 986 24.07 -3.80 8.27
N VAL A 987 25.14 -3.42 7.56
CA VAL A 987 25.26 -2.22 6.76
C VAL A 987 24.23 -2.15 5.63
N SER A 988 24.09 -3.27 4.89
CA SER A 988 23.01 -3.40 3.96
C SER A 988 21.59 -3.36 4.56
N SER A 989 21.43 -3.83 5.85
CA SER A 989 20.20 -3.94 6.56
C SER A 989 19.77 -2.57 6.91
N PHE A 990 20.71 -1.65 7.28
CA PHE A 990 20.40 -0.34 7.84
C PHE A 990 20.32 0.66 6.82
N ALA A 991 20.47 0.23 5.57
CA ALA A 991 20.18 1.07 4.41
C ALA A 991 18.65 1.43 4.29
N PRO A 992 17.76 0.47 4.36
CA PRO A 992 16.33 0.82 4.45
C PRO A 992 15.83 1.35 5.76
N ASP A 993 16.58 1.06 6.86
CA ASP A 993 16.32 1.71 8.08
C ASP A 993 16.54 3.20 8.13
N TYR A 994 17.60 3.67 7.51
CA TYR A 994 17.97 5.07 7.40
C TYR A 994 17.03 5.77 6.43
N ALA A 995 16.46 5.01 5.49
CA ALA A 995 15.65 5.53 4.46
C ALA A 995 14.36 5.99 5.03
N LYS A 996 13.62 5.04 5.64
CA LYS A 996 12.39 5.23 6.36
C LYS A 996 12.59 6.18 7.54
N ALA A 997 13.78 6.14 8.21
CA ALA A 997 14.10 7.11 9.33
C ALA A 997 14.10 8.51 8.83
N THR A 998 14.75 8.79 7.72
CA THR A 998 14.78 10.11 6.98
C THR A 998 13.43 10.59 6.61
N VAL A 999 12.55 9.66 6.08
CA VAL A 999 11.23 9.95 5.56
C VAL A 999 10.40 10.44 6.77
N SER A 1000 10.50 9.75 7.91
CA SER A 1000 9.83 10.07 9.17
C SER A 1000 10.24 11.46 9.64
N ALA A 1001 11.56 11.71 9.44
CA ALA A 1001 12.12 13.05 9.74
C ALA A 1001 11.58 14.18 8.93
N SER A 1002 11.30 13.87 7.64
CA SER A 1002 10.68 14.87 6.72
C SER A 1002 9.38 15.28 7.18
N HIS A 1003 8.64 14.33 7.72
CA HIS A 1003 7.30 14.68 8.22
C HIS A 1003 7.32 15.61 9.42
N ILE A 1004 8.19 15.32 10.42
CA ILE A 1004 8.35 15.96 11.68
C ILE A 1004 8.89 17.40 11.49
N ILE A 1005 9.66 17.64 10.39
CA ILE A 1005 10.22 18.91 9.99
C ILE A 1005 9.18 19.75 9.37
N ARG A 1006 8.32 19.31 8.46
CA ARG A 1006 7.28 20.13 7.80
C ARG A 1006 6.14 20.49 8.81
N ILE A 1007 5.89 19.68 9.92
CA ILE A 1007 4.94 19.95 10.97
C ILE A 1007 5.57 21.08 11.78
N ILE A 1008 6.89 20.98 11.94
CA ILE A 1008 7.66 21.98 12.71
C ILE A 1008 7.83 23.34 11.99
N GLU A 1009 7.80 23.22 10.62
CA GLU A 1009 7.75 24.31 9.61
C GLU A 1009 6.54 25.23 9.77
N LYS A 1010 5.33 24.67 10.17
CA LYS A 1010 4.18 25.46 10.57
C LYS A 1010 3.34 26.05 9.40
N THR A 1011 2.06 26.25 9.77
CA THR A 1011 1.27 27.24 9.12
C THR A 1011 0.70 28.09 10.30
N PRO A 1012 0.91 29.39 10.45
CA PRO A 1012 0.89 29.97 11.81
C PRO A 1012 -0.41 30.59 12.10
N GLU A 1013 -1.46 30.08 11.39
CA GLU A 1013 -2.79 30.53 11.61
C GLU A 1013 -3.31 29.97 12.98
N ILE A 1014 -4.16 30.71 13.77
CA ILE A 1014 -4.67 30.31 15.15
C ILE A 1014 -3.55 29.85 16.11
N ASP A 1015 -2.32 30.46 15.93
CA ASP A 1015 -1.32 30.25 16.95
C ASP A 1015 -1.68 30.97 18.29
N SER A 1016 -2.33 32.19 18.22
CA SER A 1016 -2.83 33.00 19.35
C SER A 1016 -2.33 34.38 19.22
N TYR A 1017 -3.27 35.25 19.36
CA TYR A 1017 -3.12 36.63 19.03
C TYR A 1017 -3.87 37.42 19.99
N SER A 1018 -3.64 38.75 20.05
CA SER A 1018 -4.38 39.70 20.89
C SER A 1018 -4.60 40.94 20.03
N THR A 1019 -5.63 41.79 20.35
CA THR A 1019 -5.97 43.12 19.91
C THR A 1019 -6.95 43.68 20.96
N GLN A 1020 -7.08 43.00 22.05
CA GLN A 1020 -7.90 43.40 23.16
C GLN A 1020 -7.38 42.53 24.27
N GLY A 1021 -7.87 42.81 25.49
CA GLY A 1021 -7.44 42.28 26.81
C GLY A 1021 -8.51 41.45 27.39
N LEU A 1022 -9.53 41.09 26.51
CA LEU A 1022 -10.79 40.46 26.76
C LEU A 1022 -11.68 41.50 27.32
N LYS A 1023 -11.75 42.70 26.65
CA LYS A 1023 -12.61 43.78 27.09
C LYS A 1023 -14.18 43.35 26.97
N PRO A 1024 -15.08 43.75 27.94
CA PRO A 1024 -16.51 43.57 27.82
C PRO A 1024 -17.20 44.76 27.41
N ASN A 1025 -16.54 45.65 26.53
CA ASN A 1025 -17.25 46.81 25.90
C ASN A 1025 -17.14 46.79 24.36
N MET A 1026 -16.89 45.54 23.79
CA MET A 1026 -16.71 45.25 22.39
C MET A 1026 -17.74 44.27 22.03
N LEU A 1027 -18.61 43.89 23.02
CA LEU A 1027 -19.67 42.95 22.92
C LEU A 1027 -20.66 43.31 21.80
N GLU A 1028 -20.64 42.44 20.75
CA GLU A 1028 -21.52 42.32 19.59
C GLU A 1028 -21.05 42.97 18.40
N GLY A 1029 -21.22 44.35 18.43
CA GLY A 1029 -20.76 45.27 17.45
C GLY A 1029 -21.66 45.19 16.27
N ASN A 1030 -21.25 46.03 15.27
CA ASN A 1030 -21.77 45.97 13.95
C ASN A 1030 -20.76 45.45 13.11
N VAL A 1031 -20.91 44.19 12.63
CA VAL A 1031 -19.79 43.45 12.06
C VAL A 1031 -19.82 43.71 10.58
N GLN A 1032 -18.75 44.19 9.95
CA GLN A 1032 -18.75 44.70 8.52
C GLN A 1032 -18.19 43.68 7.67
N PHE A 1033 -18.72 43.44 6.44
CA PHE A 1033 -18.14 42.56 5.45
C PHE A 1033 -18.11 43.49 4.29
N SER A 1034 -16.96 43.59 3.66
CA SER A 1034 -16.81 44.57 2.55
C SER A 1034 -15.97 43.87 1.46
N GLY A 1035 -16.51 43.86 0.21
CA GLY A 1035 -15.92 43.44 -0.98
C GLY A 1035 -15.24 42.06 -0.98
N VAL A 1036 -15.89 41.08 -0.28
CA VAL A 1036 -15.36 39.76 0.03
C VAL A 1036 -15.67 38.85 -1.04
N VAL A 1037 -14.62 38.23 -1.59
CA VAL A 1037 -14.62 37.11 -2.51
C VAL A 1037 -14.00 35.97 -1.88
N PHE A 1038 -14.46 34.81 -2.26
CA PHE A 1038 -13.94 33.59 -1.70
C PHE A 1038 -14.10 32.51 -2.71
N ASN A 1039 -13.12 31.58 -2.76
CA ASN A 1039 -13.19 30.38 -3.49
C ASN A 1039 -12.24 29.43 -2.76
N TYR A 1040 -12.71 28.21 -2.34
CA TYR A 1040 -12.06 27.12 -1.69
C TYR A 1040 -10.66 26.77 -2.10
N PRO A 1041 -9.81 25.96 -1.42
CA PRO A 1041 -8.35 25.74 -1.72
C PRO A 1041 -8.17 24.88 -2.88
N THR A 1042 -9.18 23.98 -3.18
CA THR A 1042 -9.50 23.43 -4.49
C THR A 1042 -10.21 24.53 -5.41
N ARG A 1043 -9.48 25.08 -6.42
CA ARG A 1043 -9.86 26.24 -7.12
C ARG A 1043 -11.08 25.95 -8.03
N PRO A 1044 -11.21 24.81 -8.70
CA PRO A 1044 -12.30 24.56 -9.60
C PRO A 1044 -13.57 24.04 -8.83
N SER A 1045 -14.50 24.96 -8.49
CA SER A 1045 -15.65 24.57 -7.69
C SER A 1045 -16.56 25.75 -7.65
N ILE A 1046 -16.38 26.74 -8.57
CA ILE A 1046 -17.12 28.00 -8.75
C ILE A 1046 -16.80 28.90 -7.58
N PRO A 1047 -16.35 30.14 -7.75
CA PRO A 1047 -16.07 31.03 -6.58
C PRO A 1047 -17.42 31.37 -5.93
N VAL A 1048 -17.75 30.91 -4.68
CA VAL A 1048 -19.11 31.05 -4.16
C VAL A 1048 -19.41 32.50 -3.76
N LEU A 1049 -18.49 33.35 -3.22
CA LEU A 1049 -18.69 34.69 -2.89
C LEU A 1049 -18.05 35.45 -3.97
N GLN A 1050 -18.86 36.24 -4.70
CA GLN A 1050 -18.42 37.15 -5.78
C GLN A 1050 -19.18 38.42 -5.52
N GLY A 1051 -18.52 39.54 -5.20
CA GLY A 1051 -19.06 40.86 -4.90
C GLY A 1051 -19.94 40.79 -3.67
N LEU A 1052 -19.38 40.34 -2.53
CA LEU A 1052 -20.26 40.30 -1.34
C LEU A 1052 -19.84 41.32 -0.35
N SER A 1053 -20.88 42.11 0.10
CA SER A 1053 -20.67 43.05 1.14
C SER A 1053 -21.99 42.96 1.96
N LEU A 1054 -21.84 42.86 3.33
CA LEU A 1054 -22.93 42.74 4.25
C LEU A 1054 -22.75 43.65 5.42
N GLU A 1055 -23.85 43.66 6.23
CA GLU A 1055 -23.87 44.31 7.52
C GLU A 1055 -24.91 43.64 8.40
N VAL A 1056 -24.66 43.66 9.71
CA VAL A 1056 -25.40 43.03 10.71
C VAL A 1056 -25.33 44.00 11.84
N LYS A 1057 -26.45 44.39 12.52
CA LYS A 1057 -26.48 45.34 13.55
C LYS A 1057 -26.72 44.42 14.66
N LYS A 1058 -26.38 44.94 15.89
CA LYS A 1058 -26.55 44.20 17.13
C LYS A 1058 -28.05 44.12 17.47
N GLY A 1059 -28.34 42.96 18.10
CA GLY A 1059 -29.65 42.69 18.69
C GLY A 1059 -30.61 42.31 17.60
N GLN A 1060 -30.16 41.73 16.49
CA GLN A 1060 -31.12 41.51 15.36
C GLN A 1060 -30.67 40.26 14.71
N THR A 1061 -31.59 39.41 14.22
CA THR A 1061 -31.36 38.15 13.61
C THR A 1061 -31.18 38.42 12.10
N LEU A 1062 -30.03 37.96 11.61
CA LEU A 1062 -29.73 38.10 10.21
C LEU A 1062 -30.07 36.78 9.59
N ALA A 1063 -31.13 36.70 8.77
CA ALA A 1063 -31.40 35.48 8.00
C ALA A 1063 -30.58 35.56 6.79
N LEU A 1064 -30.37 34.38 6.20
CA LEU A 1064 -29.62 34.35 5.00
C LEU A 1064 -30.32 33.22 4.31
N VAL A 1065 -30.85 33.42 3.12
CA VAL A 1065 -31.61 32.42 2.44
C VAL A 1065 -31.25 32.57 1.01
N GLY A 1066 -31.58 31.54 0.19
CA GLY A 1066 -31.21 31.57 -1.24
C GLY A 1066 -31.31 30.19 -1.63
N SER A 1067 -30.14 29.64 -2.09
CA SER A 1067 -30.04 28.32 -2.54
C SER A 1067 -28.57 27.99 -2.40
N SER A 1068 -28.20 26.71 -2.66
CA SER A 1068 -26.91 26.13 -2.54
C SER A 1068 -25.85 26.71 -3.42
N GLY A 1069 -24.63 26.83 -2.88
CA GLY A 1069 -23.44 27.23 -3.62
C GLY A 1069 -23.30 28.77 -3.70
N CYS A 1070 -24.06 29.49 -2.81
CA CYS A 1070 -24.17 30.89 -2.70
C CYS A 1070 -23.34 31.42 -1.59
N GLY A 1071 -22.58 30.57 -0.91
CA GLY A 1071 -21.67 30.99 0.10
C GLY A 1071 -22.27 31.28 1.40
N LYS A 1072 -23.46 30.71 1.66
CA LYS A 1072 -24.22 30.73 2.86
C LYS A 1072 -23.30 30.37 3.92
N SER A 1073 -22.80 29.08 3.86
CA SER A 1073 -21.97 28.53 4.95
C SER A 1073 -20.66 29.30 5.11
N THR A 1074 -20.19 29.85 3.92
CA THR A 1074 -18.90 30.48 3.83
C THR A 1074 -18.82 31.64 4.72
N VAL A 1075 -19.92 32.48 4.77
CA VAL A 1075 -20.06 33.56 5.66
C VAL A 1075 -19.87 33.21 7.18
N VAL A 1076 -20.53 32.16 7.64
CA VAL A 1076 -20.31 31.66 8.98
C VAL A 1076 -18.88 31.29 9.20
N GLN A 1077 -18.16 30.66 8.21
CA GLN A 1077 -16.78 30.25 8.34
C GLN A 1077 -15.78 31.38 8.55
N LEU A 1078 -15.95 32.44 7.82
CA LEU A 1078 -15.13 33.66 7.91
C LEU A 1078 -15.41 34.39 9.20
N LEU A 1079 -16.64 34.38 9.83
CA LEU A 1079 -16.89 35.00 11.12
C LEU A 1079 -16.26 34.20 12.28
N GLU A 1080 -16.19 32.88 12.17
CA GLU A 1080 -15.48 32.05 13.08
C GLU A 1080 -14.05 32.00 12.97
N ARG A 1081 -13.45 32.53 11.86
CA ARG A 1081 -12.03 32.52 11.69
C ARG A 1081 -11.54 31.18 11.38
N PHE A 1082 -11.94 30.73 10.18
CA PHE A 1082 -11.39 29.55 9.51
C PHE A 1082 -11.44 29.92 8.03
N TYR A 1083 -10.27 29.86 7.44
CA TYR A 1083 -9.89 30.17 6.06
C TYR A 1083 -10.56 31.49 5.60
N ASP A 1084 -10.01 32.65 6.04
CA ASP A 1084 -10.41 33.98 5.68
C ASP A 1084 -10.10 34.31 4.25
N PRO A 1085 -10.98 35.15 3.64
CA PRO A 1085 -11.13 35.36 2.25
C PRO A 1085 -10.00 35.80 1.44
N MET A 1086 -9.99 35.45 0.12
CA MET A 1086 -8.92 35.69 -0.81
C MET A 1086 -8.73 37.18 -1.00
N ALA A 1087 -9.86 37.94 -1.05
CA ALA A 1087 -9.85 39.32 -1.13
C ALA A 1087 -10.99 39.88 -0.42
N GLY A 1088 -10.74 41.05 0.08
CA GLY A 1088 -11.66 41.78 0.87
C GLY A 1088 -11.34 41.50 2.30
N SER A 1089 -12.04 42.13 3.23
CA SER A 1089 -11.79 41.99 4.69
C SER A 1089 -13.10 42.05 5.48
N VAL A 1090 -13.16 41.55 6.79
CA VAL A 1090 -14.29 41.51 7.58
C VAL A 1090 -13.74 41.96 8.93
N PHE A 1091 -14.49 42.86 9.54
CA PHE A 1091 -14.07 43.63 10.73
C PHE A 1091 -15.10 43.49 11.69
N LEU A 1092 -14.69 43.49 13.00
CA LEU A 1092 -15.55 43.54 14.22
C LEU A 1092 -16.00 44.97 14.37
N ASP A 1093 -15.25 45.77 15.11
CA ASP A 1093 -15.56 47.19 15.20
C ASP A 1093 -14.69 47.97 14.24
N GLY A 1094 -13.76 47.22 13.54
CA GLY A 1094 -12.77 47.97 12.82
C GLY A 1094 -11.51 47.17 12.86
N LYS A 1095 -11.45 46.16 13.79
CA LYS A 1095 -10.26 45.27 13.97
C LYS A 1095 -10.77 44.04 13.25
N GLU A 1096 -9.88 43.46 12.37
CA GLU A 1096 -10.13 42.33 11.46
C GLU A 1096 -10.40 41.14 12.42
N ILE A 1097 -11.16 40.23 11.90
CA ILE A 1097 -11.33 38.89 12.43
C ILE A 1097 -10.03 38.14 12.63
N LYS A 1098 -9.14 38.31 11.61
CA LYS A 1098 -7.77 37.85 11.55
C LYS A 1098 -6.94 38.20 12.81
N GLN A 1099 -7.06 39.50 13.32
CA GLN A 1099 -6.32 39.92 14.51
C GLN A 1099 -7.20 39.84 15.81
N LEU A 1100 -8.50 39.37 15.68
CA LEU A 1100 -9.31 39.18 16.83
C LEU A 1100 -8.75 38.27 17.89
N ASN A 1101 -8.96 38.52 19.21
CA ASN A 1101 -8.50 37.84 20.37
C ASN A 1101 -9.22 36.47 20.30
N VAL A 1102 -8.50 35.39 20.11
CA VAL A 1102 -8.92 34.00 19.78
C VAL A 1102 -9.77 33.41 20.88
N GLN A 1103 -9.32 33.70 22.10
CA GLN A 1103 -9.90 33.15 23.35
C GLN A 1103 -11.29 33.68 23.60
N TRP A 1104 -11.46 34.97 23.55
CA TRP A 1104 -12.68 35.72 23.73
C TRP A 1104 -13.67 35.42 22.64
N LEU A 1105 -13.13 35.13 21.42
CA LEU A 1105 -13.88 34.70 20.24
C LEU A 1105 -14.58 33.38 20.52
N ARG A 1106 -14.01 32.46 21.40
CA ARG A 1106 -14.71 31.19 21.68
C ARG A 1106 -15.69 31.33 22.89
N ALA A 1107 -15.78 32.51 23.48
CA ALA A 1107 -16.80 32.88 24.40
C ALA A 1107 -17.63 33.96 23.71
N GLN A 1108 -17.65 34.07 22.33
CA GLN A 1108 -18.49 34.89 21.57
C GLN A 1108 -19.20 34.09 20.44
N LEU A 1109 -19.21 32.74 20.54
CA LEU A 1109 -19.90 31.92 19.55
C LEU A 1109 -20.96 31.01 20.14
N GLY A 1110 -22.02 30.78 19.34
CA GLY A 1110 -23.22 30.00 19.70
C GLY A 1110 -23.39 28.93 18.64
N ILE A 1111 -22.26 28.36 18.06
CA ILE A 1111 -22.31 27.54 16.89
C ILE A 1111 -23.08 26.27 17.01
N VAL A 1112 -23.84 25.85 15.94
CA VAL A 1112 -24.65 24.73 15.91
C VAL A 1112 -24.31 24.17 14.55
N SER A 1113 -23.99 22.80 14.53
CA SER A 1113 -23.65 22.09 13.29
C SER A 1113 -24.92 21.62 12.67
N GLN A 1114 -24.77 21.13 11.41
CA GLN A 1114 -25.80 20.56 10.60
C GLN A 1114 -25.52 19.11 10.68
N GLU A 1115 -24.50 18.66 11.47
CA GLU A 1115 -24.12 17.24 11.82
C GLU A 1115 -23.46 17.41 13.19
N PRO A 1116 -24.19 17.48 14.35
CA PRO A 1116 -23.50 17.50 15.58
C PRO A 1116 -23.03 16.11 15.93
N ILE A 1117 -21.80 16.02 16.47
CA ILE A 1117 -21.17 14.78 16.85
C ILE A 1117 -20.60 14.86 18.21
N LEU A 1118 -20.82 13.75 19.01
CA LEU A 1118 -20.43 13.57 20.38
C LEU A 1118 -18.99 13.08 20.43
N PHE A 1119 -18.35 13.29 21.56
CA PHE A 1119 -17.07 12.82 21.81
C PHE A 1119 -17.07 11.61 22.71
N ASP A 1120 -15.89 10.93 22.97
CA ASP A 1120 -15.90 9.74 23.77
C ASP A 1120 -16.25 9.99 25.20
N CYS A 1121 -16.09 11.33 25.62
CA CYS A 1121 -16.48 11.86 26.89
C CYS A 1121 -17.92 11.63 27.14
N SER A 1122 -18.31 11.42 28.47
CA SER A 1122 -19.72 11.29 28.93
C SER A 1122 -20.56 12.51 28.52
N ILE A 1123 -21.92 12.38 28.46
CA ILE A 1123 -22.75 13.46 27.92
C ILE A 1123 -22.55 14.72 28.73
N ALA A 1124 -22.29 14.60 30.06
CA ALA A 1124 -22.01 15.71 30.91
C ALA A 1124 -20.85 16.67 30.63
N GLU A 1125 -19.77 16.08 30.20
CA GLU A 1125 -18.54 16.49 29.61
C GLU A 1125 -18.63 16.87 28.09
N ASN A 1126 -19.64 16.38 27.33
CA ASN A 1126 -19.88 16.77 25.96
C ASN A 1126 -20.53 18.13 25.93
N ILE A 1127 -21.58 18.19 26.83
CA ILE A 1127 -22.43 19.32 26.96
C ILE A 1127 -21.71 20.57 27.29
N ALA A 1128 -20.77 20.49 28.31
CA ALA A 1128 -19.97 21.58 28.71
C ALA A 1128 -18.51 21.12 28.73
N TYR A 1129 -17.54 22.03 28.34
CA TYR A 1129 -16.16 21.81 28.33
C TYR A 1129 -15.56 23.05 28.87
N GLY A 1130 -14.89 22.95 30.03
CA GLY A 1130 -14.13 23.97 30.67
C GLY A 1130 -12.82 24.18 30.05
N ASP A 1131 -11.88 25.00 30.59
CA ASP A 1131 -10.58 25.27 30.04
C ASP A 1131 -10.05 26.43 30.93
N ASN A 1132 -9.16 27.35 30.41
CA ASN A 1132 -8.63 28.49 31.15
C ASN A 1132 -9.30 29.63 30.59
N SER A 1133 -10.22 29.41 29.63
CA SER A 1133 -11.11 30.39 28.99
C SER A 1133 -12.55 30.12 29.35
N ARG A 1134 -12.77 29.05 30.15
CA ARG A 1134 -14.06 28.53 30.37
C ARG A 1134 -14.10 28.02 31.79
N VAL A 1135 -15.34 27.80 32.38
CA VAL A 1135 -15.54 27.30 33.73
C VAL A 1135 -16.53 26.35 33.54
N VAL A 1136 -16.66 25.31 34.41
CA VAL A 1136 -17.87 24.46 34.38
C VAL A 1136 -18.51 24.25 35.79
N SER A 1137 -19.84 23.97 35.97
CA SER A 1137 -20.49 23.83 37.24
C SER A 1137 -21.69 23.02 37.12
N TYR A 1138 -22.20 22.48 38.24
CA TYR A 1138 -23.44 21.60 38.19
C TYR A 1138 -24.68 22.33 37.69
N GLU A 1139 -24.83 23.50 38.25
CA GLU A 1139 -25.84 24.50 37.96
C GLU A 1139 -25.81 24.98 36.53
N GLU A 1140 -24.64 25.05 35.90
CA GLU A 1140 -24.50 25.45 34.54
C GLU A 1140 -25.08 24.41 33.61
N ILE A 1141 -24.72 23.11 33.72
CA ILE A 1141 -25.11 22.03 32.85
C ILE A 1141 -26.61 21.75 32.98
N VAL A 1142 -27.08 22.09 34.22
CA VAL A 1142 -28.53 21.99 34.43
C VAL A 1142 -29.27 22.96 33.53
N ARG A 1143 -28.96 24.26 33.63
CA ARG A 1143 -29.53 25.32 32.83
C ARG A 1143 -29.36 25.23 31.34
N ALA A 1144 -28.16 24.77 30.89
CA ALA A 1144 -27.97 24.39 29.55
C ALA A 1144 -28.84 23.28 28.99
N ALA A 1145 -28.97 22.18 29.80
CA ALA A 1145 -29.86 21.08 29.37
C ALA A 1145 -31.34 21.46 29.35
N LYS A 1146 -31.84 22.25 30.41
CA LYS A 1146 -33.18 22.74 30.55
C LYS A 1146 -33.67 23.60 29.41
N GLU A 1147 -32.76 24.58 28.97
CA GLU A 1147 -32.96 25.61 27.93
C GLU A 1147 -32.89 24.98 26.63
N ALA A 1148 -32.08 23.87 26.47
CA ALA A 1148 -31.86 23.26 25.19
C ALA A 1148 -32.90 22.22 24.93
N ASN A 1149 -33.70 21.94 25.98
CA ASN A 1149 -34.74 20.87 26.01
C ASN A 1149 -34.19 19.53 25.80
N ILE A 1150 -32.91 19.15 26.23
CA ILE A 1150 -32.44 17.82 26.05
C ILE A 1150 -32.74 17.10 27.30
N HIS A 1151 -33.28 17.81 28.33
CA HIS A 1151 -33.49 17.29 29.68
C HIS A 1151 -34.45 16.14 29.73
N GLN A 1152 -35.37 15.99 28.69
CA GLN A 1152 -36.28 14.87 28.49
C GLN A 1152 -35.53 13.61 28.49
N PHE A 1153 -34.52 13.56 27.62
CA PHE A 1153 -33.59 12.47 27.44
C PHE A 1153 -32.58 12.17 28.55
N ILE A 1154 -32.26 13.21 29.34
CA ILE A 1154 -31.36 13.16 30.45
C ILE A 1154 -32.06 12.35 31.62
N ASP A 1155 -33.42 12.64 31.81
CA ASP A 1155 -34.28 12.00 32.77
C ASP A 1155 -34.27 10.58 32.61
N SER A 1156 -34.59 10.13 31.36
CA SER A 1156 -34.52 8.69 31.04
C SER A 1156 -33.10 8.31 31.21
N LEU A 1157 -32.85 7.06 31.66
CA LEU A 1157 -31.53 6.43 31.70
C LEU A 1157 -31.02 6.74 33.12
N PRO A 1158 -30.59 5.80 33.95
CA PRO A 1158 -30.25 6.07 35.34
C PRO A 1158 -28.82 6.63 35.48
N ASP A 1159 -28.53 7.52 36.46
CA ASP A 1159 -27.28 8.17 36.72
C ASP A 1159 -27.32 9.59 36.15
N LYS A 1160 -28.48 9.89 35.49
CA LYS A 1160 -28.84 11.14 34.85
C LYS A 1160 -27.70 11.58 33.97
N TYR A 1161 -27.13 12.76 34.26
CA TYR A 1161 -26.13 13.33 33.48
C TYR A 1161 -24.79 12.57 33.34
N ASN A 1162 -24.56 11.69 34.31
CA ASN A 1162 -23.32 10.94 34.29
C ASN A 1162 -23.40 9.65 33.43
N THR A 1163 -24.61 9.44 32.84
CA THR A 1163 -24.88 8.32 31.96
C THR A 1163 -24.11 8.48 30.64
N ARG A 1164 -23.28 7.44 30.28
CA ARG A 1164 -22.60 7.43 29.01
C ARG A 1164 -23.26 6.44 28.07
N VAL A 1165 -23.43 6.96 26.80
CA VAL A 1165 -24.13 6.29 25.74
C VAL A 1165 -23.12 5.38 25.11
N GLY A 1166 -21.96 5.94 24.74
CA GLY A 1166 -20.92 5.14 24.11
C GLY A 1166 -21.12 5.01 22.61
N ASP A 1167 -20.04 4.44 22.05
CA ASP A 1167 -20.00 4.21 20.65
C ASP A 1167 -19.83 5.50 19.81
N LYS A 1168 -19.20 6.55 20.39
CA LYS A 1168 -18.87 7.82 19.93
C LYS A 1168 -20.14 8.67 19.84
N GLY A 1169 -21.16 8.23 20.63
CA GLY A 1169 -22.48 8.71 20.70
C GLY A 1169 -23.12 8.92 19.41
N THR A 1170 -23.00 7.87 18.55
CA THR A 1170 -23.48 7.91 17.21
C THR A 1170 -24.79 7.15 17.25
N GLN A 1171 -25.18 6.73 18.47
CA GLN A 1171 -26.39 5.95 18.73
C GLN A 1171 -27.59 6.84 18.97
N LEU A 1172 -27.36 8.14 19.24
CA LEU A 1172 -28.42 9.15 19.31
C LEU A 1172 -29.12 9.47 18.02
N SER A 1173 -30.41 9.88 18.21
CA SER A 1173 -31.30 10.22 17.12
C SER A 1173 -31.03 11.72 16.91
N GLY A 1174 -31.40 12.18 15.68
CA GLY A 1174 -31.01 13.47 15.24
C GLY A 1174 -31.49 14.56 16.15
N GLY A 1175 -32.76 14.51 16.62
CA GLY A 1175 -33.43 15.43 17.47
C GLY A 1175 -32.63 15.65 18.77
N GLN A 1176 -32.08 14.54 19.33
CA GLN A 1176 -31.25 14.49 20.45
C GLN A 1176 -29.91 15.24 20.24
N LYS A 1177 -29.33 15.00 19.08
CA LYS A 1177 -28.08 15.57 18.65
C LYS A 1177 -28.04 17.09 18.48
N GLN A 1178 -29.02 17.61 17.81
CA GLN A 1178 -29.15 19.02 17.51
C GLN A 1178 -29.35 19.76 18.80
N ARG A 1179 -30.21 19.26 19.71
CA ARG A 1179 -30.36 19.80 21.04
C ARG A 1179 -29.11 19.88 21.80
N ILE A 1180 -28.28 18.79 21.68
CA ILE A 1180 -27.00 18.70 22.36
C ILE A 1180 -26.06 19.75 21.89
N ALA A 1181 -26.03 20.01 20.53
CA ALA A 1181 -25.31 21.18 20.01
C ALA A 1181 -25.80 22.54 20.54
N ILE A 1182 -27.14 22.70 20.69
CA ILE A 1182 -27.66 23.92 21.34
C ILE A 1182 -27.20 24.16 22.75
N ALA A 1183 -27.12 23.14 23.61
CA ALA A 1183 -26.73 23.16 25.03
C ALA A 1183 -25.28 23.59 25.19
N ARG A 1184 -24.42 23.19 24.21
CA ARG A 1184 -23.02 23.63 24.06
C ARG A 1184 -22.90 25.15 23.80
N ALA A 1185 -23.86 25.64 23.01
CA ALA A 1185 -23.93 26.96 22.39
C ALA A 1185 -24.05 28.01 23.43
N LEU A 1186 -25.14 27.81 24.26
CA LEU A 1186 -25.44 28.72 25.29
C LEU A 1186 -24.62 28.61 26.54
N VAL A 1187 -23.83 27.53 26.72
CA VAL A 1187 -22.89 27.40 27.80
C VAL A 1187 -21.86 28.49 27.68
N ARG A 1188 -21.35 28.85 26.46
CA ARG A 1188 -20.22 29.74 26.14
C ARG A 1188 -20.65 31.17 26.52
N GLN A 1189 -22.00 31.44 26.72
CA GLN A 1189 -22.60 32.73 27.02
C GLN A 1189 -22.27 33.76 26.02
N PRO A 1190 -22.49 33.56 24.71
CA PRO A 1190 -22.07 34.44 23.60
C PRO A 1190 -23.20 35.45 23.51
N HIS A 1191 -23.18 36.29 22.46
CA HIS A 1191 -24.28 37.19 22.14
C HIS A 1191 -24.47 37.10 20.61
N ILE A 1192 -23.81 35.99 20.03
CA ILE A 1192 -23.85 35.71 18.67
C ILE A 1192 -24.23 34.27 18.65
N LEU A 1193 -25.37 33.92 17.96
CA LEU A 1193 -25.75 32.56 17.73
C LEU A 1193 -25.58 32.30 16.32
N LEU A 1194 -25.17 31.06 15.89
CA LEU A 1194 -24.93 30.68 14.48
C LEU A 1194 -25.62 29.34 14.33
N LEU A 1195 -26.51 29.26 13.39
CA LEU A 1195 -27.29 28.10 13.23
C LEU A 1195 -27.06 27.56 11.88
N ASP A 1196 -26.54 26.31 11.76
CA ASP A 1196 -26.23 25.60 10.52
C ASP A 1196 -27.20 24.46 10.42
N GLU A 1197 -28.09 24.56 9.37
CA GLU A 1197 -29.21 23.74 8.95
C GLU A 1197 -29.61 22.68 9.97
N ALA A 1198 -30.47 23.14 10.91
CA ALA A 1198 -30.90 22.40 12.01
C ALA A 1198 -32.39 22.17 11.85
N THR A 1199 -32.92 22.53 10.58
CA THR A 1199 -34.31 22.32 10.29
C THR A 1199 -34.40 21.72 8.90
N SER A 1200 -33.31 21.25 8.31
CA SER A 1200 -33.30 20.59 7.05
C SER A 1200 -32.59 19.31 7.45
N ALA A 1201 -31.95 19.08 8.68
CA ALA A 1201 -31.46 17.80 9.11
C ALA A 1201 -32.44 17.20 10.04
N LEU A 1202 -33.71 17.85 10.26
CA LEU A 1202 -34.64 17.36 11.18
C LEU A 1202 -35.94 17.60 10.45
N ASP A 1203 -36.94 16.96 11.02
CA ASP A 1203 -38.27 16.93 10.50
C ASP A 1203 -39.17 16.88 11.77
N THR A 1204 -40.50 17.14 11.50
CA THR A 1204 -41.60 17.15 12.42
C THR A 1204 -41.47 17.88 13.78
N GLU A 1205 -41.93 17.21 14.88
CA GLU A 1205 -41.93 17.76 16.19
C GLU A 1205 -40.58 18.13 16.73
N SER A 1206 -39.60 17.38 16.25
CA SER A 1206 -38.22 17.71 16.48
C SER A 1206 -37.75 19.12 16.09
N GLU A 1207 -38.22 19.61 14.87
CA GLU A 1207 -37.87 20.96 14.38
C GLU A 1207 -38.38 21.98 15.31
N LYS A 1208 -39.58 21.73 15.88
CA LYS A 1208 -40.38 22.71 16.57
C LYS A 1208 -39.87 22.97 17.90
N VAL A 1209 -39.50 21.90 18.57
CA VAL A 1209 -38.98 21.84 19.86
C VAL A 1209 -37.65 22.48 19.97
N VAL A 1210 -36.93 22.31 18.87
CA VAL A 1210 -35.62 22.93 18.68
C VAL A 1210 -35.69 24.45 18.41
N GLN A 1211 -36.66 24.88 17.53
CA GLN A 1211 -37.01 26.29 17.36
C GLN A 1211 -37.44 26.90 18.75
N GLU A 1212 -38.21 26.20 19.64
CA GLU A 1212 -38.52 26.64 21.01
C GLU A 1212 -37.31 26.85 21.86
N ALA A 1213 -36.27 25.99 21.76
CA ALA A 1213 -34.96 26.12 22.50
C ALA A 1213 -34.22 27.34 22.09
N LEU A 1214 -34.20 27.53 20.74
CA LEU A 1214 -33.73 28.79 20.11
C LEU A 1214 -34.42 30.06 20.48
N ASP A 1215 -35.78 29.99 20.54
CA ASP A 1215 -36.56 31.19 20.86
C ASP A 1215 -36.29 31.74 22.25
N LYS A 1216 -36.13 30.86 23.28
CA LYS A 1216 -35.89 31.33 24.61
C LYS A 1216 -34.43 31.74 24.81
N ALA A 1217 -33.56 31.20 23.95
CA ALA A 1217 -32.14 31.62 24.08
C ALA A 1217 -31.89 33.07 23.68
N ARG A 1218 -32.52 33.52 22.55
CA ARG A 1218 -32.35 34.84 22.03
C ARG A 1218 -33.14 35.77 22.96
N GLU A 1219 -32.46 36.66 23.74
CA GLU A 1219 -33.18 37.58 24.62
C GLU A 1219 -32.97 39.02 24.12
N GLY A 1220 -32.48 39.16 22.80
CA GLY A 1220 -32.29 40.37 22.03
C GLY A 1220 -30.83 40.33 21.73
N ARG A 1221 -30.40 39.50 20.75
CA ARG A 1221 -29.02 39.27 20.34
C ARG A 1221 -29.00 38.76 18.86
N THR A 1222 -27.78 38.99 18.16
CA THR A 1222 -27.52 38.57 16.80
C THR A 1222 -27.61 37.12 16.72
N CYS A 1223 -28.22 36.61 15.56
CA CYS A 1223 -28.30 35.17 15.28
C CYS A 1223 -28.16 35.13 13.80
N ILE A 1224 -27.67 34.03 13.29
CA ILE A 1224 -27.48 33.83 11.90
C ILE A 1224 -28.28 32.57 11.65
N VAL A 1225 -29.37 32.60 10.85
CA VAL A 1225 -29.98 31.32 10.49
C VAL A 1225 -29.73 31.20 8.94
N ILE A 1226 -28.91 30.16 8.58
CA ILE A 1226 -28.50 29.93 7.17
C ILE A 1226 -29.48 28.90 6.58
N ALA A 1227 -30.46 28.40 7.43
CA ALA A 1227 -31.40 27.35 7.14
C ALA A 1227 -32.24 27.61 5.91
N HIS A 1228 -32.63 26.55 5.15
CA HIS A 1228 -33.26 26.57 3.81
C HIS A 1228 -34.80 26.30 3.89
N ARG A 1229 -35.37 26.38 5.14
CA ARG A 1229 -36.74 26.25 5.32
C ARG A 1229 -37.03 27.68 5.58
N LEU A 1230 -37.79 28.25 4.59
CA LEU A 1230 -38.19 29.61 4.55
C LEU A 1230 -39.47 29.74 5.16
N SER A 1231 -40.06 28.72 5.74
CA SER A 1231 -41.31 28.67 6.39
C SER A 1231 -41.20 28.87 7.88
N THR A 1232 -39.99 28.86 8.42
CA THR A 1232 -39.72 29.01 9.81
C THR A 1232 -38.92 30.30 9.95
N ILE A 1233 -38.62 30.93 8.74
CA ILE A 1233 -37.99 32.26 8.62
C ILE A 1233 -39.04 33.16 8.09
N GLN A 1234 -39.42 34.10 9.02
CA GLN A 1234 -40.45 35.08 8.96
C GLN A 1234 -40.43 36.02 10.22
N ASN A 1235 -39.60 35.56 11.22
CA ASN A 1235 -39.27 36.13 12.49
C ASN A 1235 -38.01 36.94 12.30
N ALA A 1236 -37.10 36.59 11.32
CA ALA A 1236 -35.85 37.25 11.07
C ALA A 1236 -36.16 38.70 10.74
N ASP A 1237 -35.40 39.64 11.33
CA ASP A 1237 -35.60 41.03 11.06
C ASP A 1237 -35.08 41.58 9.77
N LEU A 1238 -33.98 40.95 9.27
CA LEU A 1238 -33.41 41.29 8.01
C LEU A 1238 -33.11 40.02 7.31
N ILE A 1239 -33.77 39.78 6.19
CA ILE A 1239 -33.64 38.60 5.33
C ILE A 1239 -32.85 39.11 4.19
N VAL A 1240 -31.79 38.34 3.76
CA VAL A 1240 -30.91 38.71 2.76
C VAL A 1240 -31.18 37.56 1.80
N VAL A 1241 -31.52 37.88 0.52
CA VAL A 1241 -31.55 36.89 -0.52
C VAL A 1241 -30.30 36.95 -1.32
N ILE A 1242 -29.50 35.80 -1.13
CA ILE A 1242 -28.15 35.83 -1.63
C ILE A 1242 -28.07 35.05 -2.97
N GLN A 1243 -27.65 35.65 -4.15
CA GLN A 1243 -27.30 34.87 -5.34
C GLN A 1243 -25.82 34.95 -5.60
N ASN A 1244 -24.95 33.90 -5.31
CA ASN A 1244 -23.58 33.78 -5.77
C ASN A 1244 -22.79 34.88 -5.27
N GLY A 1245 -23.05 35.37 -4.05
CA GLY A 1245 -22.28 36.46 -3.37
C GLY A 1245 -22.99 37.72 -3.61
N LYS A 1246 -24.04 37.84 -4.42
CA LYS A 1246 -24.64 39.09 -4.72
C LYS A 1246 -25.87 39.08 -4.05
N VAL A 1247 -26.11 40.06 -3.06
CA VAL A 1247 -27.37 40.33 -2.50
C VAL A 1247 -28.27 40.83 -3.60
N LYS A 1248 -29.42 40.10 -3.78
CA LYS A 1248 -30.38 40.44 -4.83
C LYS A 1248 -31.47 41.31 -4.16
N GLU A 1249 -32.23 40.73 -3.19
CA GLU A 1249 -33.26 41.43 -2.52
C GLU A 1249 -32.79 41.33 -1.08
N HIS A 1250 -33.12 42.36 -0.24
CA HIS A 1250 -32.77 42.38 1.17
C HIS A 1250 -33.83 43.19 1.80
N GLY A 1251 -34.13 42.78 3.07
CA GLY A 1251 -35.20 43.52 3.78
C GLY A 1251 -35.91 42.59 4.72
N THR A 1252 -36.86 43.21 5.51
CA THR A 1252 -37.64 42.53 6.47
C THR A 1252 -38.72 41.73 5.77
N HIS A 1253 -39.33 40.72 6.38
CA HIS A 1253 -40.25 39.67 5.82
C HIS A 1253 -41.33 40.30 5.00
N GLN A 1254 -42.09 41.20 5.68
CA GLN A 1254 -43.38 41.65 5.17
C GLN A 1254 -43.24 42.48 3.89
N GLN A 1255 -42.14 43.22 3.68
CA GLN A 1255 -41.74 43.91 2.49
C GLN A 1255 -41.45 43.01 1.28
N LEU A 1256 -40.61 42.01 1.47
CA LEU A 1256 -40.22 41.06 0.52
C LEU A 1256 -41.26 40.14 0.11
N LEU A 1257 -42.09 39.80 1.12
CA LEU A 1257 -43.28 39.04 0.88
C LEU A 1257 -44.35 39.81 0.12
N ALA A 1258 -44.47 41.13 0.33
CA ALA A 1258 -45.38 41.95 -0.45
C ALA A 1258 -44.87 42.05 -1.85
N GLN A 1259 -43.52 42.06 -2.12
CA GLN A 1259 -42.96 41.91 -3.49
C GLN A 1259 -43.31 40.54 -4.12
N LYS A 1260 -43.33 40.52 -5.46
CA LYS A 1260 -43.72 39.45 -6.37
C LYS A 1260 -42.39 39.11 -7.01
N GLY A 1261 -41.21 39.51 -6.36
CA GLY A 1261 -39.87 39.44 -6.83
C GLY A 1261 -39.29 38.12 -6.45
N ILE A 1262 -37.95 38.04 -6.26
CA ILE A 1262 -37.26 36.86 -5.85
C ILE A 1262 -37.78 36.17 -4.57
N TYR A 1263 -38.03 36.97 -3.46
CA TYR A 1263 -38.20 36.40 -2.14
C TYR A 1263 -39.41 35.48 -2.05
N PHE A 1264 -40.51 36.06 -2.58
CA PHE A 1264 -41.84 35.54 -2.59
C PHE A 1264 -42.03 34.23 -3.43
N SER A 1265 -41.23 34.23 -4.52
CA SER A 1265 -41.02 33.13 -5.38
C SER A 1265 -40.28 31.96 -4.55
N MET A 1266 -39.28 32.29 -3.76
CA MET A 1266 -38.63 31.33 -2.80
C MET A 1266 -39.49 30.72 -1.74
N VAL A 1267 -40.46 31.45 -1.11
CA VAL A 1267 -41.36 30.97 -0.11
C VAL A 1267 -42.44 30.10 -0.82
N SER A 1268 -42.86 30.46 -2.05
CA SER A 1268 -43.84 29.77 -2.88
C SER A 1268 -43.43 28.42 -3.32
N VAL A 1269 -42.13 28.34 -3.66
CA VAL A 1269 -41.60 27.12 -4.17
C VAL A 1269 -41.12 26.15 -3.14
N GLN A 1270 -40.94 26.66 -1.87
CA GLN A 1270 -40.53 25.89 -0.71
C GLN A 1270 -41.60 24.88 -0.18
N ALA A 1271 -42.86 25.41 -0.31
CA ALA A 1271 -44.10 24.78 0.13
C ALA A 1271 -44.93 24.16 -0.92
#